data_2XAR
#
_entry.id   2XAR
#
_cell.length_a   57.670
_cell.length_b   112.501
_cell.length_c   139.720
_cell.angle_alpha   90.00
_cell.angle_beta   90.00
_cell.angle_gamma   90.00
#
_symmetry.space_group_name_H-M   'P 21 21 21'
#
loop_
_entity.id
_entity.type
_entity.pdbx_description
1 polymer 'INOSITOL-PENTAKISPHOSPHATE 2-KINASE'
2 non-polymer 'INOSITOL HEXAKISPHOSPHATE'
3 non-polymer 'ZINC ION'
#
_entity_poly.entity_id   1
_entity_poly.type   'polypeptide(L)'
_entity_poly.pdbx_seq_one_letter_code
;MEMILEEKDASDWIYRGEGGANLVLAYAGSSPLFVGKVIRIQKARRNDKAIKNSNGVVSVLTSDEQHLWRENNELISSPN
KEVLEQRYVQNVIIPLLGPKHVDAGVRVSVSKEFLECVDKKVTKQRPLWRVNAANVDTSHDSALILNDHSLFSQGITSGG
DCISVEIKPKCGFLPTSRFIGKENMLKTSVSRFKMHQLLKLEYIEISEESEYDPLDLFSGSKERVLEAIKALYSTPQNNF
RVFLNGSLILGGSGESTGRTSPEIGYAFEDALKGFIQSEDGHRTECFLQLVSDAVYGSGVLDRLLEIQKLDKLDIEGAIH
CYYDIINQPCPICKEGRPLEAELSLHALPLDESLKIVKEYLIAATAKDCSIMISFQSRNAWDSEPSGDYVSLKPTNQTFD
YKVHFIDLSLKPLKRMESYYKLDKKIISFYNRKQKAENTAEQIGNSKPSHS
;
_entity_poly.pdbx_strand_id   A,B
#
# COMPACT_ATOMS: atom_id res chain seq x y z
N MET A 3 -32.10 2.88 27.92
CA MET A 3 -30.68 3.33 28.03
C MET A 3 -29.74 2.33 27.36
N ILE A 4 -29.93 1.05 27.65
CA ILE A 4 -29.12 -0.03 27.08
C ILE A 4 -29.89 -0.74 25.97
N LEU A 5 -29.27 -0.90 24.81
CA LEU A 5 -29.83 -1.72 23.74
C LEU A 5 -29.46 -3.18 23.96
N GLU A 6 -30.47 -4.03 24.13
CA GLU A 6 -30.26 -5.46 24.35
C GLU A 6 -30.45 -6.22 23.04
N GLU A 7 -30.17 -7.52 23.06
CA GLU A 7 -30.22 -8.36 21.87
C GLU A 7 -31.50 -8.17 21.04
N LYS A 8 -32.64 -8.28 21.71
CA LYS A 8 -33.96 -8.24 21.05
C LYS A 8 -34.18 -6.99 20.21
N ASP A 9 -33.54 -5.89 20.60
CA ASP A 9 -33.65 -4.62 19.90
C ASP A 9 -33.01 -4.71 18.51
N ALA A 10 -32.13 -5.69 18.33
CA ALA A 10 -31.42 -5.85 17.06
C ALA A 10 -32.33 -5.88 15.84
N SER A 11 -33.47 -6.55 15.94
CA SER A 11 -34.37 -6.70 14.79
C SER A 11 -35.00 -5.38 14.35
N ASP A 12 -34.93 -4.37 15.21
CA ASP A 12 -35.52 -3.04 14.94
C ASP A 12 -34.65 -2.11 14.09
N TRP A 13 -33.40 -2.47 13.88
CA TRP A 13 -32.51 -1.65 13.07
C TRP A 13 -32.20 -2.34 11.76
N ILE A 14 -32.31 -1.60 10.67
CA ILE A 14 -32.04 -2.13 9.33
C ILE A 14 -30.85 -1.40 8.72
N TYR A 15 -30.10 -2.09 7.86
CA TYR A 15 -28.92 -1.53 7.19
C TYR A 15 -29.19 -0.25 6.41
N ARG A 16 -28.24 0.68 6.46
CA ARG A 16 -28.33 1.98 5.81
C ARG A 16 -27.14 2.25 4.88
N GLY A 17 -25.94 1.94 5.37
CA GLY A 17 -24.72 2.11 4.59
C GLY A 17 -23.53 1.98 5.50
N GLU A 18 -22.33 2.11 4.94
CA GLU A 18 -21.11 2.09 5.73
C GLU A 18 -19.94 2.83 5.11
N GLY A 19 -19.17 3.50 5.98
CA GLY A 19 -17.87 4.06 5.62
C GLY A 19 -16.80 3.00 5.82
N GLY A 20 -15.55 3.43 5.94
CA GLY A 20 -14.45 2.52 6.20
C GLY A 20 -14.33 2.23 7.68
N ALA A 21 -14.81 3.16 8.50
CA ALA A 21 -14.68 3.07 9.94
C ALA A 21 -16.02 2.93 10.65
N ASN A 22 -17.11 3.28 9.98
CA ASN A 22 -18.44 3.19 10.59
C ASN A 22 -19.50 2.49 9.77
N LEU A 23 -20.27 1.65 10.45
CA LEU A 23 -21.44 1.03 9.89
C LEU A 23 -22.63 1.83 10.41
N VAL A 24 -23.64 2.06 9.56
CA VAL A 24 -24.81 2.83 9.97
C VAL A 24 -26.13 2.11 9.71
N LEU A 25 -26.93 1.94 10.76
CA LEU A 25 -28.28 1.40 10.64
C LEU A 25 -29.34 2.45 10.89
N ALA A 26 -30.45 2.37 10.15
CA ALA A 26 -31.61 3.24 10.36
C ALA A 26 -32.67 2.49 11.15
N TYR A 27 -33.33 3.20 12.07
CA TYR A 27 -34.38 2.62 12.90
C TYR A 27 -35.61 2.20 12.09
N ALA A 28 -36.30 1.17 12.56
CA ALA A 28 -37.50 0.68 11.89
C ALA A 28 -38.69 0.44 12.83
N GLY A 29 -38.40 0.32 14.12
CA GLY A 29 -39.43 0.10 15.14
C GLY A 29 -40.30 1.33 15.37
N SER A 30 -40.97 1.37 16.51
CA SER A 30 -41.88 2.48 16.81
C SER A 30 -41.63 3.15 18.16
N SER A 31 -40.52 2.79 18.81
CA SER A 31 -40.12 3.44 20.06
C SER A 31 -39.81 4.91 19.82
N PRO A 32 -40.56 5.79 20.50
CA PRO A 32 -40.45 7.25 20.37
C PRO A 32 -39.01 7.73 20.47
N LEU A 33 -38.17 6.99 21.19
CA LEU A 33 -36.78 7.36 21.40
C LEU A 33 -35.97 7.35 20.12
N PHE A 34 -36.27 6.40 19.24
CA PHE A 34 -35.43 6.16 18.07
C PHE A 34 -36.08 6.41 16.71
N VAL A 35 -37.37 6.75 16.71
CA VAL A 35 -38.06 7.09 15.47
C VAL A 35 -37.35 8.26 14.80
N GLY A 36 -37.04 8.10 13.52
CA GLY A 36 -36.34 9.13 12.74
C GLY A 36 -34.88 9.33 13.13
N LYS A 37 -34.25 8.29 13.66
CA LYS A 37 -32.85 8.33 14.06
C LYS A 37 -32.04 7.26 13.34
N VAL A 38 -30.73 7.41 13.33
CA VAL A 38 -29.82 6.37 12.85
C VAL A 38 -28.79 6.05 13.92
N ILE A 39 -28.27 4.83 13.87
CA ILE A 39 -27.20 4.42 14.80
C ILE A 39 -25.89 4.27 14.04
N ARG A 40 -24.84 4.91 14.56
CA ARG A 40 -23.54 4.89 13.93
C ARG A 40 -22.69 4.01 14.80
N ILE A 41 -22.22 2.89 14.24
CA ILE A 41 -21.45 1.94 15.03
C ILE A 41 -20.02 1.85 14.52
N GLN A 42 -19.07 1.97 15.43
CA GLN A 42 -17.66 1.88 15.09
C GLN A 42 -17.20 0.45 14.77
N LYS A 43 -16.43 0.33 13.69
CA LYS A 43 -15.94 -0.95 13.22
C LYS A 43 -14.59 -1.28 13.84
N ALA A 44 -14.31 -2.57 13.96
CA ALA A 44 -13.05 -3.07 14.46
C ALA A 44 -12.20 -3.51 13.28
N ARG A 45 -11.24 -2.66 12.90
CA ARG A 45 -10.36 -2.95 11.78
C ARG A 45 -9.27 -3.94 12.20
N ARG A 46 -9.04 -4.97 11.38
CA ARG A 46 -7.90 -5.87 11.58
C ARG A 46 -6.60 -5.21 11.10
N ASN A 47 -6.76 -4.06 10.45
CA ASN A 47 -5.67 -3.17 10.03
C ASN A 47 -4.97 -2.53 11.23
N ASP A 48 -5.78 -2.12 12.19
CA ASP A 48 -5.32 -1.45 13.40
C ASP A 48 -5.14 -2.45 14.56
N SER A 59 -5.75 5.49 26.21
CA SER A 59 -6.23 4.46 25.30
C SER A 59 -7.04 5.05 24.13
N VAL A 60 -8.07 5.84 24.43
CA VAL A 60 -8.88 6.54 23.39
C VAL A 60 -8.06 7.49 22.51
N LEU A 61 -6.90 7.91 23.02
CA LEU A 61 -5.97 8.75 22.27
C LEU A 61 -4.55 8.33 22.56
N THR A 62 -3.69 8.39 21.54
CA THR A 62 -2.27 8.04 21.70
C THR A 62 -1.58 9.13 22.51
N SER A 63 -0.38 8.82 22.99
CA SER A 63 0.40 9.75 23.80
C SER A 63 0.61 11.05 23.04
N ASP A 64 0.86 10.94 21.75
CA ASP A 64 1.08 12.09 20.89
C ASP A 64 -0.23 12.84 20.62
N GLU A 65 -1.34 12.11 20.54
CA GLU A 65 -2.64 12.71 20.26
C GLU A 65 -3.13 13.64 21.39
N GLN A 66 -2.80 13.29 22.63
CA GLN A 66 -3.11 14.13 23.79
C GLN A 66 -2.33 15.43 23.72
N HIS A 67 -1.08 15.31 23.28
CA HIS A 67 -0.19 16.45 23.07
C HIS A 67 -0.77 17.46 22.07
N LEU A 68 -1.39 16.94 21.00
CA LEU A 68 -1.92 17.76 19.92
C LEU A 68 -3.25 18.43 20.26
N TRP A 69 -4.18 17.64 20.78
CA TRP A 69 -5.51 18.12 21.11
C TRP A 69 -5.55 18.71 22.51
N ARG A 70 -4.36 19.01 23.03
CA ARG A 70 -4.13 19.58 24.36
C ARG A 70 -5.00 20.80 24.64
N GLU A 71 -5.13 21.69 23.66
CA GLU A 71 -5.92 22.91 23.80
C GLU A 71 -7.39 22.63 24.07
N ASN A 72 -7.80 21.39 23.84
CA ASN A 72 -9.20 20.99 23.97
C ASN A 72 -9.33 19.84 24.97
N ASN A 73 -9.34 20.16 26.27
CA ASN A 73 -9.29 19.13 27.32
C ASN A 73 -10.47 18.15 27.32
N GLU A 74 -11.68 18.67 27.13
CA GLU A 74 -12.88 17.83 27.02
C GLU A 74 -12.67 16.68 26.04
N LEU A 75 -11.81 16.91 25.04
CA LEU A 75 -11.42 15.89 24.09
C LEU A 75 -10.50 14.86 24.73
N ILE A 76 -9.33 15.30 25.19
CA ILE A 76 -8.30 14.39 25.73
C ILE A 76 -8.76 13.55 26.92
N SER A 77 -9.77 14.00 27.64
CA SER A 77 -10.27 13.29 28.80
C SER A 77 -11.62 12.62 28.51
N SER A 78 -11.68 11.86 27.42
CA SER A 78 -12.89 11.16 27.04
C SER A 78 -12.87 9.68 27.45
N PRO A 79 -14.02 9.15 27.95
CA PRO A 79 -14.16 7.76 28.39
C PRO A 79 -14.02 6.74 27.25
N ASN A 80 -14.59 7.06 26.08
CA ASN A 80 -14.57 6.16 24.93
C ASN A 80 -14.45 6.95 23.63
N LYS A 81 -14.36 6.21 22.52
CA LYS A 81 -14.22 6.82 21.21
C LYS A 81 -15.51 7.47 20.74
N GLU A 82 -16.63 6.96 21.24
CA GLU A 82 -17.93 7.53 20.92
C GLU A 82 -18.06 8.97 21.42
N VAL A 83 -17.72 9.20 22.69
CA VAL A 83 -17.77 10.55 23.26
C VAL A 83 -16.65 11.43 22.69
N LEU A 84 -15.51 10.82 22.39
CA LEU A 84 -14.42 11.49 21.70
C LEU A 84 -14.89 12.09 20.38
N GLU A 85 -15.60 11.29 19.58
CA GLU A 85 -16.15 11.73 18.29
C GLU A 85 -17.20 12.82 18.49
N GLN A 86 -18.00 12.63 19.53
CA GLN A 86 -19.05 13.57 19.89
C GLN A 86 -18.45 14.92 20.26
N ARG A 87 -17.48 14.91 21.15
CA ARG A 87 -16.88 16.15 21.63
C ARG A 87 -16.03 16.86 20.57
N TYR A 88 -15.50 16.09 19.63
CA TYR A 88 -14.77 16.65 18.51
C TYR A 88 -15.71 17.46 17.64
N VAL A 89 -16.81 16.84 17.24
CA VAL A 89 -17.82 17.54 16.45
C VAL A 89 -18.31 18.79 17.18
N GLN A 90 -18.57 18.63 18.49
CA GLN A 90 -19.17 19.67 19.32
C GLN A 90 -18.24 20.84 19.64
N ASN A 91 -16.98 20.52 19.93
CA ASN A 91 -16.02 21.53 20.42
C ASN A 91 -15.04 22.05 19.37
N VAL A 92 -14.83 21.29 18.31
CA VAL A 92 -13.86 21.65 17.27
C VAL A 92 -14.56 21.97 15.94
N ILE A 93 -15.54 21.15 15.58
CA ILE A 93 -16.19 21.30 14.26
C ILE A 93 -17.31 22.35 14.24
N ILE A 94 -18.29 22.25 15.15
CA ILE A 94 -19.36 23.24 15.27
C ILE A 94 -18.86 24.70 15.21
N PRO A 95 -17.92 25.10 16.10
CA PRO A 95 -17.45 26.48 16.05
C PRO A 95 -16.92 26.91 14.68
N LEU A 96 -16.54 25.95 13.86
CA LEU A 96 -15.96 26.23 12.54
C LEU A 96 -17.02 26.26 11.43
N LEU A 97 -18.12 25.54 11.63
CA LEU A 97 -19.13 25.33 10.60
C LEU A 97 -20.50 25.90 10.90
N GLY A 98 -20.83 26.04 12.19
CA GLY A 98 -22.13 26.53 12.62
C GLY A 98 -23.03 25.38 13.05
N PRO A 99 -23.74 25.55 14.17
CA PRO A 99 -24.56 24.50 14.79
C PRO A 99 -25.89 24.25 14.09
N LYS A 100 -26.19 25.10 13.11
CA LYS A 100 -27.43 25.04 12.34
C LYS A 100 -27.46 23.82 11.44
N HIS A 101 -26.29 23.47 10.90
CA HIS A 101 -26.17 22.40 9.91
C HIS A 101 -25.43 21.17 10.43
N VAL A 102 -25.03 21.20 11.69
CA VAL A 102 -24.30 20.09 12.28
C VAL A 102 -24.92 19.65 13.60
N ASP A 103 -25.21 18.35 13.71
CA ASP A 103 -25.57 17.80 15.02
C ASP A 103 -24.62 16.65 15.41
N ALA A 104 -24.21 16.65 16.67
CA ALA A 104 -23.14 15.79 17.19
C ALA A 104 -23.62 14.38 17.58
N GLY A 105 -24.93 14.25 17.80
CA GLY A 105 -25.52 12.94 18.08
C GLY A 105 -25.44 12.53 19.53
N VAL A 106 -26.55 12.01 20.04
CA VAL A 106 -26.66 11.56 21.43
C VAL A 106 -26.02 10.18 21.58
N ARG A 107 -25.25 10.00 22.63
CA ARG A 107 -24.62 8.73 22.95
C ARG A 107 -25.66 7.75 23.53
N VAL A 108 -25.39 6.45 23.39
CA VAL A 108 -26.24 5.41 23.99
C VAL A 108 -25.43 4.16 24.34
N SER A 109 -25.75 3.57 25.48
CA SER A 109 -25.10 2.34 25.93
C SER A 109 -25.60 1.14 25.14
N VAL A 110 -24.67 0.29 24.72
CA VAL A 110 -25.02 -0.91 23.98
C VAL A 110 -24.35 -2.14 24.58
N SER A 111 -25.06 -3.27 24.54
CA SER A 111 -24.52 -4.53 25.04
C SER A 111 -23.73 -5.24 23.94
N LYS A 112 -22.80 -6.10 24.37
CA LYS A 112 -21.97 -6.90 23.46
C LYS A 112 -22.85 -7.81 22.61
N GLU A 113 -23.87 -8.39 23.22
CA GLU A 113 -24.82 -9.27 22.54
C GLU A 113 -25.59 -8.52 21.44
N PHE A 114 -25.98 -7.29 21.73
CA PHE A 114 -26.66 -6.44 20.76
C PHE A 114 -25.79 -6.25 19.53
N LEU A 115 -24.55 -5.84 19.75
CA LEU A 115 -23.59 -5.55 18.68
C LEU A 115 -23.33 -6.80 17.86
N GLU A 116 -23.03 -7.90 18.53
CA GLU A 116 -22.77 -9.18 17.88
C GLU A 116 -23.96 -9.66 17.06
N CYS A 117 -25.15 -9.37 17.59
CA CYS A 117 -26.39 -9.73 16.90
C CYS A 117 -26.58 -8.86 15.67
N VAL A 118 -26.32 -7.57 15.81
CA VAL A 118 -26.43 -6.63 14.68
C VAL A 118 -25.45 -6.98 13.57
N ASP A 119 -24.20 -7.25 13.93
CA ASP A 119 -23.15 -7.57 12.96
C ASP A 119 -23.55 -8.74 12.07
N LYS A 120 -24.04 -9.80 12.71
CA LYS A 120 -24.46 -11.01 12.00
C LYS A 120 -25.74 -10.79 11.22
N LYS A 121 -26.67 -10.03 11.81
CA LYS A 121 -27.91 -9.69 11.15
C LYS A 121 -27.69 -8.99 9.80
N VAL A 122 -26.70 -8.09 9.72
CA VAL A 122 -26.48 -7.27 8.52
C VAL A 122 -25.40 -7.78 7.55
N THR A 123 -24.62 -8.77 7.99
CA THR A 123 -23.52 -9.31 7.20
C THR A 123 -23.93 -9.56 5.74
N LYS A 124 -25.15 -10.04 5.54
CA LYS A 124 -25.63 -10.39 4.21
C LYS A 124 -25.85 -9.19 3.27
N GLN A 125 -26.14 -8.02 3.84
CA GLN A 125 -26.42 -6.82 3.04
C GLN A 125 -25.19 -5.96 2.82
N ARG A 126 -24.05 -6.43 3.35
CA ARG A 126 -22.80 -5.69 3.27
C ARG A 126 -21.98 -6.10 2.06
N PRO A 127 -21.20 -5.15 1.50
CA PRO A 127 -20.22 -5.49 0.47
C PRO A 127 -19.19 -6.45 1.05
N LEU A 128 -18.83 -7.47 0.27
CA LEU A 128 -17.88 -8.47 0.76
C LEU A 128 -16.56 -7.86 1.16
N TRP A 129 -16.02 -6.98 0.31
CA TRP A 129 -14.73 -6.35 0.60
C TRP A 129 -14.75 -5.54 1.90
N ARG A 130 -15.92 -5.02 2.25
CA ARG A 130 -16.10 -4.28 3.51
C ARG A 130 -15.99 -5.22 4.69
N VAL A 131 -16.65 -6.37 4.58
CA VAL A 131 -16.67 -7.39 5.62
C VAL A 131 -15.27 -7.94 5.84
N ASN A 132 -14.54 -8.13 4.75
CA ASN A 132 -13.14 -8.54 4.80
C ASN A 132 -12.29 -7.58 5.64
N ALA A 133 -12.61 -6.30 5.57
CA ALA A 133 -11.78 -5.27 6.18
C ALA A 133 -12.05 -5.03 7.67
N ALA A 134 -13.31 -5.11 8.08
CA ALA A 134 -13.70 -4.81 9.46
C ALA A 134 -15.11 -5.29 9.82
N ASN A 135 -15.35 -5.52 11.10
CA ASN A 135 -16.71 -5.70 11.60
C ASN A 135 -16.93 -4.68 12.69
N VAL A 136 -18.11 -4.72 13.31
CA VAL A 136 -18.41 -3.87 14.45
C VAL A 136 -17.47 -4.20 15.62
N ASP A 137 -16.98 -3.14 16.26
CA ASP A 137 -16.14 -3.28 17.44
C ASP A 137 -17.06 -3.66 18.59
N THR A 138 -17.06 -4.94 18.91
CA THR A 138 -17.96 -5.48 19.93
C THR A 138 -17.43 -5.23 21.33
N SER A 139 -16.23 -4.64 21.42
CA SER A 139 -15.65 -4.29 22.72
C SER A 139 -16.25 -2.99 23.26
N HIS A 140 -16.74 -2.12 22.37
CA HIS A 140 -17.33 -0.86 22.80
C HIS A 140 -18.65 -1.04 23.53
N ASP A 141 -18.86 -0.22 24.55
CA ASP A 141 -20.11 -0.24 25.33
C ASP A 141 -21.04 0.85 24.81
N SER A 142 -20.54 1.66 23.88
CA SER A 142 -21.30 2.81 23.39
C SER A 142 -21.54 2.82 21.87
N ALA A 143 -22.48 3.66 21.47
CA ALA A 143 -22.83 3.89 20.07
C ALA A 143 -23.48 5.28 19.95
N LEU A 144 -23.71 5.74 18.73
CA LEU A 144 -24.26 7.07 18.54
C LEU A 144 -25.61 7.06 17.85
N ILE A 145 -26.56 7.82 18.42
CA ILE A 145 -27.85 8.07 17.79
C ILE A 145 -27.85 9.48 17.20
N LEU A 146 -27.97 9.53 15.89
CA LEU A 146 -28.11 10.79 15.17
C LEU A 146 -29.51 10.84 14.58
N ASN A 147 -29.88 11.97 14.01
CA ASN A 147 -31.15 12.07 13.31
C ASN A 147 -31.08 11.46 11.92
N ASP A 148 -32.21 10.99 11.42
CA ASP A 148 -32.27 10.41 10.10
C ASP A 148 -32.66 11.49 9.10
N HIS A 149 -31.65 12.15 8.54
CA HIS A 149 -31.86 13.29 7.66
C HIS A 149 -32.39 12.92 6.28
N SER A 150 -32.78 11.66 6.11
CA SER A 150 -33.51 11.25 4.93
C SER A 150 -34.98 11.51 5.20
N LEU A 151 -35.22 11.90 6.47
CA LEU A 151 -36.46 12.50 6.99
C LEU A 151 -36.18 13.95 7.42
N PHE A 152 -37.03 14.86 6.95
CA PHE A 152 -36.84 16.31 7.05
C PHE A 152 -36.58 16.84 8.46
N SER A 153 -37.65 17.03 9.23
CA SER A 153 -37.58 17.53 10.61
C SER A 153 -37.84 16.43 11.66
N GLN A 154 -37.75 16.77 12.94
CA GLN A 154 -37.82 15.76 14.02
C GLN A 154 -39.23 15.27 14.41
N GLY A 155 -39.44 13.96 14.30
CA GLY A 155 -40.73 13.34 14.59
C GLY A 155 -41.40 12.76 13.36
N SER A 158 -45.61 14.04 10.67
CA SER A 158 -44.63 14.42 9.66
C SER A 158 -45.17 15.55 8.74
N GLY A 159 -44.55 15.68 7.57
CA GLY A 159 -44.97 16.66 6.58
C GLY A 159 -44.82 16.16 5.14
N GLY A 160 -45.32 14.96 4.88
CA GLY A 160 -45.27 14.39 3.52
C GLY A 160 -43.89 13.86 3.14
N ASP A 161 -43.83 13.20 1.99
CA ASP A 161 -42.59 12.55 1.50
C ASP A 161 -41.36 13.43 1.60
N CYS A 162 -40.19 12.79 1.72
CA CYS A 162 -38.92 13.48 1.79
C CYS A 162 -37.87 12.81 0.93
N ILE A 163 -37.40 13.56 -0.08
CA ILE A 163 -36.25 13.14 -0.88
C ILE A 163 -35.02 13.79 -0.27
N SER A 164 -33.96 13.01 -0.09
CA SER A 164 -32.72 13.57 0.40
C SER A 164 -31.53 13.07 -0.40
N VAL A 165 -30.51 13.91 -0.50
CA VAL A 165 -29.32 13.62 -1.28
C VAL A 165 -28.09 13.68 -0.38
N GLU A 166 -27.22 12.69 -0.50
CA GLU A 166 -25.99 12.66 0.28
C GLU A 166 -24.79 12.75 -0.64
N ILE A 167 -24.06 13.87 -0.54
CA ILE A 167 -22.91 14.09 -1.39
C ILE A 167 -21.64 13.99 -0.56
N LYS A 168 -20.67 13.26 -1.09
CA LYS A 168 -19.35 13.23 -0.49
C LYS A 168 -18.44 14.04 -1.43
N PRO A 169 -18.39 15.37 -1.22
CA PRO A 169 -17.76 16.24 -2.21
C PRO A 169 -16.25 16.09 -2.36
N LYS A 170 -15.57 15.58 -1.31
CA LYS A 170 -14.08 15.49 -1.27
C LYS A 170 -13.43 16.86 -1.44
N CYS A 171 -12.13 16.90 -1.71
CA CYS A 171 -11.44 18.19 -1.71
C CYS A 171 -11.65 18.99 -3.00
N GLY A 172 -12.12 20.23 -2.86
CA GLY A 172 -12.40 21.09 -4.00
C GLY A 172 -11.49 22.29 -4.22
N PHE A 173 -10.21 22.16 -3.88
CA PHE A 173 -9.23 23.18 -4.25
C PHE A 173 -7.89 22.57 -4.64
N LEU A 174 -7.16 23.30 -5.46
CA LEU A 174 -5.83 22.89 -5.88
C LEU A 174 -4.81 23.44 -4.89
N PRO A 175 -3.80 22.64 -4.55
CA PRO A 175 -2.77 23.11 -3.64
C PRO A 175 -1.95 24.23 -4.29
N THR A 176 -1.19 24.94 -3.45
CA THR A 176 -0.47 26.10 -3.92
C THR A 176 0.89 26.18 -3.23
N SER A 177 1.13 25.22 -2.34
CA SER A 177 2.33 25.14 -1.50
C SER A 177 3.70 25.27 -2.22
N ARG A 178 4.61 25.94 -1.53
CA ARG A 178 6.00 26.01 -1.94
C ARG A 178 6.64 24.64 -1.83
N PHE A 179 6.12 23.83 -0.92
CA PHE A 179 6.75 22.58 -0.52
C PHE A 179 6.39 21.41 -1.44
N ILE A 180 5.68 21.71 -2.52
CA ILE A 180 5.46 20.70 -3.53
C ILE A 180 6.72 20.56 -4.38
N GLY A 181 7.25 19.34 -4.43
CA GLY A 181 8.48 19.04 -5.15
C GLY A 181 8.43 19.25 -6.65
N LYS A 182 9.60 19.19 -7.26
CA LYS A 182 9.82 19.50 -8.66
C LYS A 182 9.03 18.62 -9.61
N GLU A 183 9.03 17.32 -9.37
CA GLU A 183 8.39 16.37 -10.27
C GLU A 183 6.89 16.33 -10.02
N ASN A 184 6.50 16.75 -8.83
CA ASN A 184 5.12 16.65 -8.38
C ASN A 184 4.28 17.88 -8.71
N MET A 185 4.85 18.82 -9.45
CA MET A 185 4.19 20.11 -9.70
C MET A 185 2.90 20.01 -10.52
N LEU A 186 2.54 18.79 -10.91
CA LEU A 186 1.29 18.58 -11.63
C LEU A 186 0.10 18.61 -10.66
N LYS A 187 0.41 18.53 -9.35
CA LYS A 187 -0.57 18.66 -8.27
C LYS A 187 -1.19 20.04 -8.26
N THR A 188 -0.51 20.98 -8.90
CA THR A 188 -0.97 22.34 -9.04
C THR A 188 -2.16 22.45 -10.03
N SER A 189 -2.16 21.63 -11.07
CA SER A 189 -3.17 21.72 -12.12
C SER A 189 -4.37 20.82 -11.86
N VAL A 190 -4.10 19.56 -11.54
CA VAL A 190 -5.14 18.54 -11.50
C VAL A 190 -5.57 18.21 -10.08
N SER A 191 -6.87 18.21 -9.86
CA SER A 191 -7.43 17.87 -8.56
C SER A 191 -6.95 16.50 -8.05
N ARG A 192 -6.83 16.38 -6.74
CA ARG A 192 -6.46 15.13 -6.10
C ARG A 192 -7.47 14.06 -6.47
N PHE A 193 -8.75 14.45 -6.50
CA PHE A 193 -9.80 13.51 -6.83
C PHE A 193 -9.60 12.84 -8.20
N LYS A 194 -9.26 13.64 -9.20
CA LYS A 194 -9.09 13.15 -10.57
C LYS A 194 -7.85 12.28 -10.69
N MET A 195 -6.78 12.70 -10.02
CA MET A 195 -5.54 11.91 -9.97
C MET A 195 -5.76 10.58 -9.22
N HIS A 196 -6.49 10.64 -8.12
CA HIS A 196 -6.74 9.46 -7.29
C HIS A 196 -7.58 8.42 -8.05
N GLN A 197 -8.44 8.90 -8.94
CA GLN A 197 -9.33 8.04 -9.76
C GLN A 197 -8.53 7.08 -10.61
N LEU A 198 -7.39 7.54 -11.09
CA LEU A 198 -6.55 6.69 -11.91
C LEU A 198 -5.89 5.58 -11.12
N LEU A 199 -5.66 5.81 -9.83
CA LEU A 199 -5.11 4.76 -8.98
C LEU A 199 -6.17 3.76 -8.56
N LYS A 200 -7.35 4.25 -8.20
CA LYS A 200 -8.45 3.38 -7.82
C LYS A 200 -8.77 2.43 -8.98
N LEU A 201 -8.90 3.01 -10.17
CA LEU A 201 -9.19 2.26 -11.37
C LEU A 201 -8.07 1.28 -11.65
N GLU A 202 -6.86 1.66 -11.29
CA GLU A 202 -5.71 0.78 -11.45
C GLU A 202 -5.75 -0.36 -10.45
N TYR A 203 -6.25 -0.08 -9.26
CA TYR A 203 -6.30 -1.08 -8.20
C TYR A 203 -7.63 -1.82 -8.14
N ILE A 204 -8.37 -1.76 -9.25
CA ILE A 204 -9.68 -2.39 -9.39
C ILE A 204 -10.58 -2.03 -8.20
N GLU A 205 -10.66 -0.73 -7.95
CA GLU A 205 -11.46 -0.19 -6.85
C GLU A 205 -12.70 0.47 -7.40
N ILE A 206 -12.65 0.81 -8.69
CA ILE A 206 -13.79 1.37 -9.41
C ILE A 206 -13.76 0.81 -10.82
N SER A 207 -14.91 0.85 -11.49
CA SER A 207 -15.06 0.21 -12.80
C SER A 207 -14.66 1.10 -13.97
N GLU A 208 -14.89 2.40 -13.84
CA GLU A 208 -14.46 3.40 -14.80
C GLU A 208 -14.25 4.71 -14.08
N GLU A 209 -13.44 5.59 -14.67
CA GLU A 209 -13.16 6.89 -14.10
C GLU A 209 -14.46 7.67 -13.94
N SER A 210 -14.62 8.33 -12.79
CA SER A 210 -15.79 9.17 -12.53
C SER A 210 -15.77 10.44 -13.33
N GLU A 211 -16.95 10.99 -13.59
CA GLU A 211 -17.09 12.21 -14.37
C GLU A 211 -16.97 13.45 -13.49
N TYR A 212 -16.98 13.22 -12.18
CA TYR A 212 -17.06 14.30 -11.20
C TYR A 212 -15.71 14.99 -10.99
N ASP A 213 -15.76 16.32 -10.91
CA ASP A 213 -14.59 17.14 -10.60
C ASP A 213 -15.01 18.11 -9.49
N PRO A 214 -14.54 17.86 -8.25
CA PRO A 214 -14.94 18.67 -7.09
C PRO A 214 -14.71 20.18 -7.26
N LEU A 215 -13.80 20.54 -8.16
CA LEU A 215 -13.56 21.94 -8.50
C LEU A 215 -14.80 22.61 -9.08
N ASP A 216 -15.59 21.86 -9.83
CA ASP A 216 -16.86 22.36 -10.34
C ASP A 216 -17.87 22.58 -9.22
N LEU A 217 -17.98 21.63 -8.31
CA LEU A 217 -18.92 21.72 -7.22
C LEU A 217 -18.62 22.91 -6.32
N PHE A 218 -17.35 23.13 -6.02
CA PHE A 218 -16.93 24.20 -5.11
C PHE A 218 -16.68 25.55 -5.78
N SER A 219 -16.84 25.60 -7.11
CA SER A 219 -16.43 26.74 -7.94
C SER A 219 -17.17 28.04 -7.67
N GLY A 220 -18.35 27.97 -7.06
CA GLY A 220 -19.17 29.15 -6.85
C GLY A 220 -19.88 29.60 -8.12
N SER A 221 -19.69 28.83 -9.20
CA SER A 221 -20.38 29.07 -10.48
C SER A 221 -21.64 28.21 -10.64
N LYS A 222 -22.75 28.84 -10.98
CA LYS A 222 -24.06 28.19 -11.06
C LYS A 222 -24.08 26.99 -12.01
N GLU A 223 -23.56 27.14 -13.22
CA GLU A 223 -23.63 26.02 -14.15
C GLU A 223 -22.53 24.98 -14.01
N ARG A 224 -21.44 25.37 -13.38
CA ARG A 224 -20.39 24.41 -13.00
C ARG A 224 -20.88 23.55 -11.85
N VAL A 225 -21.74 24.11 -11.00
CA VAL A 225 -22.34 23.30 -9.94
C VAL A 225 -23.27 22.25 -10.55
N LEU A 226 -24.08 22.69 -11.51
CA LEU A 226 -25.02 21.81 -12.22
C LEU A 226 -24.29 20.67 -12.94
N GLU A 227 -23.17 21.02 -13.55
CA GLU A 227 -22.29 20.09 -14.24
C GLU A 227 -21.79 19.00 -13.29
N ALA A 228 -21.42 19.43 -12.09
CA ALA A 228 -21.01 18.54 -11.02
C ALA A 228 -22.13 17.58 -10.59
N ILE A 229 -23.33 18.12 -10.35
CA ILE A 229 -24.44 17.29 -9.93
C ILE A 229 -24.80 16.29 -11.02
N LYS A 230 -24.77 16.74 -12.26
CA LYS A 230 -25.03 15.85 -13.39
C LYS A 230 -23.99 14.74 -13.43
N ALA A 231 -22.73 15.12 -13.23
CA ALA A 231 -21.61 14.17 -13.18
C ALA A 231 -21.83 13.14 -12.08
N LEU A 232 -22.10 13.64 -10.88
CA LEU A 232 -22.37 12.80 -9.72
C LEU A 232 -23.42 11.73 -10.01
N TYR A 233 -24.53 12.16 -10.62
CA TYR A 233 -25.60 11.26 -11.02
C TYR A 233 -25.11 10.16 -11.95
N SER A 234 -24.34 10.55 -12.97
CA SER A 234 -23.83 9.59 -13.96
C SER A 234 -22.92 8.53 -13.36
N THR A 235 -21.93 8.97 -12.57
CA THR A 235 -20.98 8.06 -11.95
C THR A 235 -20.91 8.35 -10.45
N PRO A 236 -21.89 7.85 -9.67
CA PRO A 236 -21.98 8.15 -8.24
C PRO A 236 -20.82 7.60 -7.40
N GLN A 237 -20.29 6.44 -7.78
CA GLN A 237 -19.28 5.76 -6.98
C GLN A 237 -19.68 5.86 -5.51
N ASN A 238 -18.83 6.49 -4.69
CA ASN A 238 -19.11 6.66 -3.26
C ASN A 238 -19.47 8.10 -2.90
N ASN A 239 -19.76 8.90 -3.92
CA ASN A 239 -19.94 10.34 -3.73
C ASN A 239 -21.38 10.85 -3.84
N PHE A 240 -22.32 9.99 -4.23
CA PHE A 240 -23.70 10.40 -4.49
C PHE A 240 -24.70 9.31 -4.13
N ARG A 241 -25.68 9.69 -3.32
CA ARG A 241 -26.75 8.81 -2.86
C ARG A 241 -28.04 9.61 -2.79
N VAL A 242 -29.15 8.98 -3.10
CA VAL A 242 -30.44 9.63 -2.98
C VAL A 242 -31.36 8.70 -2.23
N PHE A 243 -32.09 9.27 -1.27
CA PHE A 243 -33.06 8.53 -0.46
C PHE A 243 -34.49 9.03 -0.65
N LEU A 244 -35.43 8.09 -0.63
CA LEU A 244 -36.86 8.39 -0.57
C LEU A 244 -37.34 7.83 0.74
N ASN A 245 -37.72 8.71 1.66
CA ASN A 245 -38.21 8.31 2.98
C ASN A 245 -37.29 7.36 3.71
N GLY A 246 -35.99 7.55 3.55
CA GLY A 246 -35.00 6.70 4.20
C GLY A 246 -34.46 5.56 3.36
N SER A 247 -35.19 5.21 2.29
CA SER A 247 -34.80 4.11 1.42
C SER A 247 -33.90 4.58 0.31
N LEU A 248 -32.77 3.89 0.14
CA LEU A 248 -31.82 4.18 -0.91
C LEU A 248 -32.47 3.95 -2.29
N ILE A 249 -32.48 4.98 -3.12
CA ILE A 249 -33.04 4.87 -4.47
C ILE A 249 -32.04 5.17 -5.61
N LEU A 250 -30.85 5.62 -5.24
CA LEU A 250 -29.74 5.78 -6.17
C LEU A 250 -28.43 5.77 -5.42
N GLY A 251 -27.43 5.10 -5.99
CA GLY A 251 -26.09 5.05 -5.40
C GLY A 251 -25.83 3.79 -4.59
N GLY A 252 -24.55 3.51 -4.38
CA GLY A 252 -24.10 2.28 -3.71
C GLY A 252 -24.37 2.26 -2.22
N SER A 253 -24.51 1.06 -1.68
CA SER A 253 -24.80 0.87 -0.25
C SER A 253 -23.56 0.48 0.57
N GLY A 254 -22.95 1.47 1.22
CA GLY A 254 -21.74 1.25 2.02
C GLY A 254 -20.49 0.96 1.18
N GLU A 255 -20.53 1.37 -0.09
CA GLU A 255 -19.47 1.15 -1.09
C GLU A 255 -19.72 1.97 -2.38
N SER A 256 -18.67 2.11 -3.19
CA SER A 256 -18.78 2.70 -4.54
C SER A 256 -19.78 1.92 -5.39
N THR A 257 -20.43 2.61 -6.32
CA THR A 257 -21.28 1.92 -7.28
C THR A 257 -20.83 2.18 -8.73
N GLY A 258 -21.29 1.34 -9.64
CA GLY A 258 -21.01 1.49 -11.07
C GLY A 258 -21.78 2.64 -11.71
N ARG A 259 -21.41 2.97 -12.95
CA ARG A 259 -22.08 3.99 -13.75
C ARG A 259 -23.60 3.79 -13.74
N THR A 260 -24.34 4.89 -13.73
CA THR A 260 -25.80 4.82 -13.82
C THR A 260 -26.22 4.36 -15.20
N SER A 261 -26.65 3.10 -15.26
CA SER A 261 -27.11 2.47 -16.48
C SER A 261 -28.54 2.89 -16.76
N PRO A 262 -29.05 2.62 -17.98
CA PRO A 262 -30.42 2.98 -18.31
C PRO A 262 -31.44 2.25 -17.41
N GLU A 263 -31.03 1.10 -16.91
CA GLU A 263 -31.83 0.30 -15.98
C GLU A 263 -31.98 1.04 -14.66
N ILE A 264 -30.84 1.43 -14.07
CA ILE A 264 -30.78 2.16 -12.80
C ILE A 264 -31.46 3.51 -12.95
N GLY A 265 -31.13 4.20 -14.04
CA GLY A 265 -31.70 5.50 -14.35
C GLY A 265 -33.21 5.47 -14.35
N TYR A 266 -33.77 4.46 -15.02
CA TYR A 266 -35.22 4.33 -15.10
C TYR A 266 -35.83 4.11 -13.73
N ALA A 267 -35.23 3.20 -12.95
CA ALA A 267 -35.73 2.88 -11.61
C ALA A 267 -35.84 4.16 -10.78
N PHE A 268 -34.78 4.95 -10.78
CA PHE A 268 -34.74 6.24 -10.11
C PHE A 268 -35.80 7.19 -10.67
N GLU A 269 -35.91 7.23 -12.00
CA GLU A 269 -36.91 8.05 -12.70
C GLU A 269 -38.30 7.73 -12.19
N ASP A 270 -38.56 6.44 -12.00
CA ASP A 270 -39.84 6.00 -11.48
C ASP A 270 -40.02 6.43 -10.03
N ALA A 271 -38.98 6.23 -9.23
CA ALA A 271 -39.03 6.54 -7.79
C ALA A 271 -39.46 7.97 -7.45
N LEU A 272 -39.30 8.89 -8.39
CA LEU A 272 -39.55 10.31 -8.09
C LEU A 272 -40.97 10.77 -8.34
N LYS A 273 -41.83 9.83 -8.74
CA LYS A 273 -43.21 10.17 -9.10
C LYS A 273 -43.85 10.96 -7.99
N GLY A 274 -44.49 12.07 -8.38
CA GLY A 274 -45.22 12.91 -7.45
C GLY A 274 -44.42 14.01 -6.79
N PHE A 275 -43.23 13.66 -6.31
CA PHE A 275 -42.38 14.62 -5.60
C PHE A 275 -41.92 15.73 -6.54
N ILE A 276 -41.26 15.35 -7.64
CA ILE A 276 -41.06 16.27 -8.76
C ILE A 276 -42.25 16.08 -9.71
N GLN A 277 -43.00 17.17 -9.88
CA GLN A 277 -44.27 17.13 -10.60
C GLN A 277 -44.12 17.55 -12.06
N SER A 278 -43.67 16.59 -12.87
CA SER A 278 -43.42 16.80 -14.29
C SER A 278 -43.77 15.55 -15.11
N GLU A 279 -44.04 15.77 -16.40
CA GLU A 279 -44.22 14.72 -17.40
C GLU A 279 -43.22 13.56 -17.24
N ASP A 280 -43.69 12.33 -17.40
CA ASP A 280 -42.88 11.11 -17.22
C ASP A 280 -41.59 11.19 -18.06
N GLY A 281 -40.45 11.11 -17.39
CA GLY A 281 -39.16 11.12 -18.08
C GLY A 281 -38.34 12.35 -17.76
N HIS A 282 -39.02 13.44 -17.45
CA HIS A 282 -38.34 14.69 -17.18
C HIS A 282 -38.16 14.97 -15.67
N ARG A 283 -38.57 14.02 -14.84
CA ARG A 283 -38.42 14.15 -13.39
C ARG A 283 -36.96 14.21 -12.96
N THR A 284 -36.13 13.36 -13.58
CA THR A 284 -34.71 13.25 -13.24
C THR A 284 -33.94 14.56 -13.47
N GLU A 285 -34.06 15.14 -14.67
CA GLU A 285 -33.32 16.38 -14.99
C GLU A 285 -33.79 17.56 -14.14
N CYS A 286 -35.09 17.62 -13.87
CA CYS A 286 -35.62 18.63 -12.96
C CYS A 286 -35.14 18.44 -11.51
N PHE A 287 -35.12 17.19 -11.04
CA PHE A 287 -34.56 16.86 -9.72
C PHE A 287 -33.12 17.35 -9.62
N LEU A 288 -32.31 17.03 -10.62
CA LEU A 288 -30.92 17.46 -10.66
C LEU A 288 -30.82 18.98 -10.57
N GLN A 289 -31.65 19.68 -11.34
CA GLN A 289 -31.72 21.14 -11.29
C GLN A 289 -32.01 21.62 -9.86
N LEU A 290 -32.95 20.95 -9.21
CA LEU A 290 -33.35 21.28 -7.86
C LEU A 290 -32.19 21.17 -6.89
N VAL A 291 -31.46 20.06 -6.96
CA VAL A 291 -30.31 19.83 -6.07
C VAL A 291 -29.25 20.89 -6.34
N SER A 292 -28.99 21.10 -7.62
CA SER A 292 -28.02 22.10 -8.03
C SER A 292 -28.37 23.47 -7.46
N ASP A 293 -29.65 23.84 -7.55
CA ASP A 293 -30.10 25.14 -7.05
C ASP A 293 -29.93 25.29 -5.54
N ALA A 294 -30.19 24.22 -4.80
CA ALA A 294 -30.12 24.26 -3.33
C ALA A 294 -28.68 24.39 -2.91
N VAL A 295 -27.84 23.54 -3.48
CA VAL A 295 -26.40 23.59 -3.26
C VAL A 295 -25.85 25.01 -3.47
N TYR A 296 -26.04 25.52 -4.67
CA TYR A 296 -25.60 26.86 -5.02
C TYR A 296 -26.24 27.94 -4.14
N GLY A 297 -27.57 27.91 -4.03
CA GLY A 297 -28.29 28.90 -3.24
C GLY A 297 -27.79 28.99 -1.82
N SER A 298 -27.68 27.84 -1.15
CA SER A 298 -27.33 27.79 0.27
C SER A 298 -25.90 28.28 0.53
N GLY A 299 -25.05 28.16 -0.49
CA GLY A 299 -23.64 28.50 -0.38
C GLY A 299 -23.00 27.84 0.81
N VAL A 300 -23.48 26.64 1.15
CA VAL A 300 -22.99 25.92 2.31
C VAL A 300 -21.64 25.27 2.02
N LEU A 301 -21.30 25.15 0.75
CA LEU A 301 -20.02 24.63 0.33
C LEU A 301 -18.86 25.57 0.61
N ASP A 302 -19.12 26.87 0.49
CA ASP A 302 -18.11 27.90 0.71
C ASP A 302 -17.48 27.76 2.10
N ARG A 303 -18.30 27.53 3.11
CA ARG A 303 -17.83 27.39 4.49
C ARG A 303 -17.02 26.13 4.69
N LEU A 304 -17.45 25.06 4.01
CA LEU A 304 -16.73 23.79 4.09
C LEU A 304 -15.37 23.92 3.43
N LEU A 305 -15.35 24.45 2.21
CA LEU A 305 -14.11 24.65 1.48
C LEU A 305 -13.12 25.41 2.35
N GLU A 306 -13.62 26.31 3.19
CA GLU A 306 -12.76 27.07 4.08
C GLU A 306 -12.07 26.18 5.11
N ILE A 307 -12.81 25.24 5.68
CA ILE A 307 -12.24 24.27 6.61
C ILE A 307 -11.21 23.45 5.86
N GLN A 308 -11.55 23.01 4.66
CA GLN A 308 -10.64 22.25 3.82
C GLN A 308 -9.34 22.99 3.57
N LYS A 309 -9.43 24.28 3.27
CA LYS A 309 -8.25 25.08 2.91
C LYS A 309 -7.36 25.35 4.12
N LEU A 310 -7.76 24.81 5.27
CA LEU A 310 -6.91 24.85 6.45
C LEU A 310 -5.72 23.91 6.32
N ASP A 311 -5.75 23.08 5.28
CA ASP A 311 -4.57 22.38 4.81
C ASP A 311 -3.74 23.38 4.03
N LYS A 312 -2.98 24.19 4.75
CA LYS A 312 -2.30 25.33 4.17
C LYS A 312 -1.08 24.94 3.34
N LEU A 313 -0.42 23.86 3.74
CA LEU A 313 0.91 23.55 3.23
C LEU A 313 0.94 22.29 2.39
N ASP A 314 -0.18 21.58 2.34
CA ASP A 314 -0.26 20.29 1.65
C ASP A 314 0.55 19.22 2.38
N ILE A 315 0.16 17.97 2.25
CA ILE A 315 0.80 16.87 2.97
C ILE A 315 2.33 16.92 2.84
N GLU A 316 2.81 17.28 1.66
CA GLU A 316 4.24 17.44 1.39
C GLU A 316 4.89 18.52 2.24
N GLY A 317 4.10 19.51 2.66
CA GLY A 317 4.57 20.51 3.63
C GLY A 317 4.38 20.04 5.06
N ALA A 318 3.15 19.67 5.39
CA ALA A 318 2.74 19.35 6.76
C ALA A 318 3.46 18.13 7.33
N ILE A 319 3.79 17.16 6.47
CA ILE A 319 4.48 15.96 6.94
C ILE A 319 5.71 16.29 7.81
N HIS A 320 6.47 17.32 7.40
CA HIS A 320 7.69 17.68 8.09
C HIS A 320 7.40 18.10 9.52
N CYS A 321 6.29 18.80 9.72
CA CYS A 321 5.81 19.19 11.04
C CYS A 321 5.44 17.99 11.89
N TYR A 322 4.79 17.00 11.27
CA TYR A 322 4.39 15.79 11.98
C TYR A 322 5.57 15.14 12.70
N TYR A 323 6.71 15.01 12.01
CA TYR A 323 7.89 14.36 12.60
C TYR A 323 8.50 15.17 13.74
N ASP A 324 8.36 16.51 13.69
CA ASP A 324 8.74 17.37 14.81
C ASP A 324 7.79 17.16 15.98
N ILE A 325 6.50 16.95 15.69
CA ILE A 325 5.50 16.72 16.72
C ILE A 325 5.82 15.43 17.48
N ILE A 326 5.93 14.33 16.75
CA ILE A 326 6.18 13.01 17.35
C ILE A 326 7.65 12.82 17.71
N ASN A 327 8.39 13.92 17.70
CA ASN A 327 9.75 13.99 18.22
C ASN A 327 10.70 12.97 17.61
N GLN A 328 10.61 12.82 16.29
CA GLN A 328 11.42 11.85 15.56
C GLN A 328 12.17 12.55 14.43
N PRO A 329 13.43 12.14 14.19
CA PRO A 329 14.15 12.61 13.02
C PRO A 329 13.36 12.39 11.73
N CYS A 330 13.14 13.49 11.01
CA CYS A 330 12.37 13.51 9.79
C CYS A 330 13.05 12.70 8.69
N PRO A 331 12.44 11.55 8.29
CA PRO A 331 12.98 10.76 7.19
C PRO A 331 12.84 11.46 5.86
N ILE A 332 11.90 12.41 5.77
CA ILE A 332 11.54 13.07 4.51
C ILE A 332 12.59 14.09 4.04
N CYS A 333 13.33 14.66 4.99
CA CYS A 333 14.55 15.39 4.70
C CYS A 333 15.75 14.43 4.78
N LYS A 334 16.58 14.38 3.74
CA LYS A 334 17.76 13.52 3.77
C LYS A 334 18.97 14.24 4.40
N GLU A 335 20.16 13.90 3.93
CA GLU A 335 21.40 14.53 4.43
C GLU A 335 21.92 15.58 3.46
N GLU A 342 13.28 20.72 5.41
CA GLU A 342 13.51 22.10 5.01
C GLU A 342 13.64 23.02 6.19
N LEU A 343 14.80 23.66 6.27
CA LEU A 343 15.10 24.70 7.24
C LEU A 343 13.86 25.48 7.65
N SER A 344 13.02 25.80 6.66
CA SER A 344 11.81 26.59 6.85
C SER A 344 10.94 26.06 7.99
N LEU A 345 10.42 24.85 7.81
CA LEU A 345 9.43 24.28 8.73
C LEU A 345 10.02 23.69 10.00
N HIS A 346 11.22 23.12 9.91
CA HIS A 346 11.81 22.45 11.06
C HIS A 346 12.40 23.41 12.08
N ALA A 347 12.38 24.72 11.76
CA ALA A 347 12.84 25.77 12.68
C ALA A 347 11.66 26.43 13.39
N LEU A 348 10.45 26.05 13.00
CA LEU A 348 9.26 26.53 13.68
C LEU A 348 9.23 26.08 15.13
N PRO A 349 8.73 26.95 16.02
CA PRO A 349 8.42 26.59 17.39
C PRO A 349 7.46 25.40 17.43
N LEU A 350 7.55 24.62 18.51
CA LEU A 350 6.71 23.45 18.68
C LEU A 350 5.25 23.85 18.61
N ASP A 351 4.95 25.00 19.21
CA ASP A 351 3.60 25.54 19.21
C ASP A 351 3.06 25.64 17.78
N GLU A 352 3.81 26.31 16.91
CA GLU A 352 3.41 26.56 15.53
C GLU A 352 3.24 25.25 14.75
N SER A 353 4.13 24.29 15.00
CA SER A 353 4.08 22.97 14.35
C SER A 353 2.79 22.22 14.70
N LEU A 354 2.41 22.24 15.97
CA LEU A 354 1.16 21.61 16.43
C LEU A 354 -0.06 22.18 15.74
N LYS A 355 -0.11 23.50 15.62
CA LYS A 355 -1.18 24.18 14.90
C LYS A 355 -1.31 23.62 13.48
N ILE A 356 -0.21 23.61 12.75
CA ILE A 356 -0.19 23.14 11.36
C ILE A 356 -0.78 21.75 11.22
N VAL A 357 -0.32 20.82 12.08
CA VAL A 357 -0.76 19.44 12.00
C VAL A 357 -2.22 19.28 12.44
N LYS A 358 -2.59 19.97 13.50
CA LYS A 358 -3.97 19.95 13.98
C LYS A 358 -4.93 20.34 12.86
N GLU A 359 -4.65 21.49 12.26
CA GLU A 359 -5.47 22.05 11.19
C GLU A 359 -5.49 21.15 9.97
N TYR A 360 -4.38 20.46 9.71
CA TYR A 360 -4.35 19.46 8.64
C TYR A 360 -5.38 18.37 8.92
N LEU A 361 -5.39 17.86 10.14
CA LEU A 361 -6.32 16.82 10.53
C LEU A 361 -7.77 17.30 10.60
N ILE A 362 -7.96 18.60 10.79
CA ILE A 362 -9.31 19.17 10.76
C ILE A 362 -9.75 19.27 9.31
N ALA A 363 -8.91 19.85 8.46
CA ALA A 363 -9.15 19.86 7.02
C ALA A 363 -9.48 18.45 6.52
N ALA A 364 -8.62 17.50 6.87
CA ALA A 364 -8.88 16.09 6.59
C ALA A 364 -10.32 15.71 6.89
N THR A 365 -10.79 16.00 8.11
CA THR A 365 -12.19 15.74 8.46
C THR A 365 -13.08 16.31 7.38
N ALA A 366 -12.92 17.62 7.10
CA ALA A 366 -13.78 18.36 6.15
C ALA A 366 -13.76 17.79 4.74
N LYS A 367 -12.61 17.23 4.36
CA LYS A 367 -12.43 16.69 3.02
C LYS A 367 -13.14 15.35 2.83
N ASP A 368 -13.50 14.71 3.94
CA ASP A 368 -14.15 13.40 3.87
C ASP A 368 -15.60 13.36 4.39
N CYS A 369 -16.09 14.49 4.90
CA CYS A 369 -17.46 14.57 5.38
C CYS A 369 -18.43 14.56 4.20
N SER A 370 -19.71 14.37 4.49
CA SER A 370 -20.73 14.32 3.46
C SER A 370 -21.81 15.32 3.81
N ILE A 371 -22.49 15.83 2.79
CA ILE A 371 -23.61 16.74 2.99
C ILE A 371 -24.90 16.00 2.77
N MET A 372 -25.89 16.24 3.64
CA MET A 372 -27.25 15.79 3.40
C MET A 372 -28.17 16.97 3.17
N ILE A 373 -28.83 16.97 2.02
CA ILE A 373 -29.84 17.97 1.72
C ILE A 373 -31.19 17.29 1.64
N SER A 374 -32.05 17.59 2.62
CA SER A 374 -33.41 17.05 2.67
C SER A 374 -34.36 18.00 1.96
N PHE A 375 -35.17 17.48 1.06
CA PHE A 375 -36.18 18.26 0.37
C PHE A 375 -37.57 17.85 0.80
N GLN A 376 -38.52 18.75 0.63
CA GLN A 376 -39.92 18.54 0.98
C GLN A 376 -40.76 19.61 0.29
N SER A 377 -41.89 19.24 -0.30
CA SER A 377 -42.73 20.26 -0.91
C SER A 377 -43.08 21.32 0.14
N ARG A 378 -42.79 22.58 -0.18
CA ARG A 378 -43.09 23.74 0.69
C ARG A 378 -44.46 23.60 1.33
N ASN A 379 -44.46 23.59 2.66
CA ASN A 379 -45.67 23.40 3.45
C ASN A 379 -46.19 24.76 3.91
N ALA A 380 -47.25 25.24 3.25
CA ALA A 380 -47.81 26.57 3.53
C ALA A 380 -48.29 26.76 4.97
N TRP A 381 -48.50 25.64 5.67
CA TRP A 381 -49.04 25.65 7.03
C TRP A 381 -48.00 25.76 8.16
N ASP A 382 -46.73 25.97 7.81
CA ASP A 382 -45.65 26.14 8.81
C ASP A 382 -45.95 27.30 9.78
N SER A 383 -45.59 27.10 11.05
CA SER A 383 -45.67 28.16 12.07
C SER A 383 -44.70 29.30 11.77
N GLU A 384 -43.53 28.95 11.22
CA GLU A 384 -42.55 29.92 10.72
C GLU A 384 -41.96 29.45 9.38
N PRO A 385 -42.58 29.88 8.25
CA PRO A 385 -42.14 29.48 6.90
C PRO A 385 -40.63 29.67 6.70
N SER A 386 -39.96 28.57 6.37
CA SER A 386 -38.49 28.49 6.28
C SER A 386 -37.86 29.61 5.47
N GLY A 387 -36.63 29.96 5.85
CA GLY A 387 -35.84 30.94 5.10
C GLY A 387 -35.28 30.40 3.79
N ASP A 388 -34.95 29.11 3.79
CA ASP A 388 -34.30 28.47 2.65
C ASP A 388 -35.26 27.59 1.86
N TYR A 389 -35.34 27.87 0.56
CA TYR A 389 -36.25 27.17 -0.35
C TYR A 389 -35.81 27.37 -1.79
N VAL A 390 -36.22 26.45 -2.66
CA VAL A 390 -35.94 26.58 -4.09
C VAL A 390 -37.25 26.61 -4.84
N SER A 391 -37.41 27.61 -5.70
CA SER A 391 -38.56 27.66 -6.58
C SER A 391 -38.23 26.96 -7.88
N LEU A 392 -38.96 25.89 -8.18
CA LEU A 392 -38.85 25.20 -9.47
C LEU A 392 -39.81 25.78 -10.53
N LYS A 393 -39.31 26.74 -11.29
CA LYS A 393 -40.08 27.47 -12.29
C LYS A 393 -40.92 26.54 -13.16
N PRO A 394 -40.27 25.56 -13.85
CA PRO A 394 -41.02 24.71 -14.78
C PRO A 394 -42.18 23.91 -14.17
N THR A 395 -41.94 23.21 -13.05
CA THR A 395 -42.99 22.33 -12.48
C THR A 395 -44.01 23.03 -11.59
N ASN A 396 -43.82 24.34 -11.36
CA ASN A 396 -44.64 25.14 -10.44
C ASN A 396 -44.63 24.68 -8.99
N GLN A 397 -43.46 24.24 -8.52
CA GLN A 397 -43.27 23.74 -7.15
C GLN A 397 -42.24 24.55 -6.38
N THR A 398 -42.49 24.73 -5.09
CA THR A 398 -41.50 25.31 -4.19
C THR A 398 -41.12 24.22 -3.21
N PHE A 399 -39.82 24.00 -3.06
CA PHE A 399 -39.31 22.99 -2.15
C PHE A 399 -38.54 23.64 -1.01
N ASP A 400 -38.86 23.25 0.20
CA ASP A 400 -38.05 23.60 1.36
C ASP A 400 -36.90 22.62 1.48
N TYR A 401 -35.71 23.12 1.85
CA TYR A 401 -34.56 22.25 2.02
C TYR A 401 -33.78 22.52 3.32
N LYS A 402 -33.04 21.52 3.77
CA LYS A 402 -32.13 21.70 4.88
C LYS A 402 -30.80 21.08 4.49
N VAL A 403 -29.72 21.63 5.00
CA VAL A 403 -28.38 21.10 4.76
C VAL A 403 -27.75 20.67 6.06
N HIS A 404 -27.07 19.54 6.04
CA HIS A 404 -26.40 19.06 7.25
C HIS A 404 -25.11 18.36 6.87
N PHE A 405 -24.08 18.59 7.68
CA PHE A 405 -22.80 17.89 7.52
C PHE A 405 -22.81 16.62 8.35
N ILE A 406 -22.43 15.51 7.72
CA ILE A 406 -22.35 14.23 8.41
C ILE A 406 -20.96 13.59 8.26
N ASP A 407 -20.77 12.46 8.94
CA ASP A 407 -19.50 11.73 8.95
C ASP A 407 -18.34 12.69 9.19
N LEU A 408 -18.40 13.36 10.32
CA LEU A 408 -17.33 14.22 10.75
C LEU A 408 -16.46 13.47 11.77
N SER A 409 -15.44 12.80 11.25
CA SER A 409 -14.61 11.94 12.07
C SER A 409 -13.27 12.59 12.40
N LEU A 410 -12.84 12.38 13.64
CA LEU A 410 -11.50 12.75 14.06
C LEU A 410 -10.54 11.80 13.36
N LYS A 411 -9.58 12.37 12.64
CA LYS A 411 -8.57 11.58 11.95
C LYS A 411 -7.40 11.33 12.89
N PRO A 412 -6.96 10.06 13.01
CA PRO A 412 -5.90 9.69 13.93
C PRO A 412 -4.55 10.21 13.49
N LEU A 413 -3.79 10.74 14.46
CA LEU A 413 -2.50 11.38 14.17
C LEU A 413 -1.50 10.51 13.40
N LYS A 414 -1.42 9.22 13.73
CA LYS A 414 -0.46 8.33 13.07
C LYS A 414 -0.69 8.28 11.55
N ARG A 415 -1.89 8.65 11.13
CA ARG A 415 -2.28 8.58 9.71
C ARG A 415 -1.46 9.54 8.85
N MET A 416 -0.88 10.55 9.50
CA MET A 416 -0.01 11.49 8.82
C MET A 416 1.03 10.78 7.96
N GLU A 417 1.52 9.64 8.45
CA GLU A 417 2.49 8.84 7.71
C GLU A 417 1.87 8.27 6.45
N SER A 418 0.74 7.59 6.61
CA SER A 418 0.09 6.96 5.47
C SER A 418 -0.44 8.00 4.46
N TYR A 419 -0.81 9.18 4.95
CA TYR A 419 -1.23 10.29 4.07
C TYR A 419 -0.13 10.64 3.09
N TYR A 420 1.09 10.84 3.61
CA TYR A 420 2.24 11.15 2.79
C TYR A 420 2.55 10.05 1.75
N LYS A 421 2.61 8.81 2.22
CA LYS A 421 2.90 7.69 1.32
C LYS A 421 1.88 7.59 0.21
N LEU A 422 0.60 7.71 0.57
CA LEU A 422 -0.50 7.66 -0.39
C LEU A 422 -0.37 8.75 -1.44
N ASP A 423 -0.24 9.98 -0.99
CA ASP A 423 -0.10 11.11 -1.89
C ASP A 423 1.07 10.96 -2.85
N LYS A 424 2.23 10.60 -2.32
CA LYS A 424 3.42 10.32 -3.12
C LYS A 424 3.11 9.29 -4.20
N LYS A 425 2.39 8.25 -3.80
CA LYS A 425 1.94 7.18 -4.68
C LYS A 425 1.07 7.72 -5.82
N ILE A 426 0.09 8.55 -5.47
CA ILE A 426 -0.83 9.10 -6.46
C ILE A 426 -0.07 9.88 -7.49
N ILE A 427 0.76 10.81 -7.01
CA ILE A 427 1.42 11.76 -7.89
C ILE A 427 2.49 11.10 -8.75
N SER A 428 3.14 10.07 -8.24
CA SER A 428 4.09 9.34 -9.07
C SER A 428 3.38 8.58 -10.18
N PHE A 429 2.29 7.90 -9.83
CA PHE A 429 1.49 7.15 -10.81
C PHE A 429 0.88 8.06 -11.88
N TYR A 430 0.47 9.25 -11.47
CA TYR A 430 -0.11 10.20 -12.41
C TYR A 430 0.95 10.71 -13.38
N ASN A 431 2.12 11.05 -12.85
CA ASN A 431 3.27 11.46 -13.67
C ASN A 431 3.66 10.35 -14.64
N ARG A 432 3.77 9.14 -14.09
CA ARG A 432 4.13 7.93 -14.84
C ARG A 432 3.23 7.71 -16.05
N LYS A 433 1.92 7.78 -15.84
CA LYS A 433 0.95 7.65 -16.92
C LYS A 433 1.04 8.79 -17.95
N GLN A 434 1.34 10.00 -17.49
CA GLN A 434 1.45 11.17 -18.39
C GLN A 434 2.69 11.11 -19.27
N LYS A 435 3.77 10.56 -18.73
CA LYS A 435 5.03 10.43 -19.46
C LYS A 435 4.89 9.56 -20.72
N ALA A 436 3.82 8.77 -20.77
CA ALA A 436 3.40 8.10 -21.99
C ALA A 436 2.53 9.04 -22.82
N GLU A 437 3.17 9.91 -23.59
CA GLU A 437 2.46 10.89 -24.45
C GLU A 437 2.09 10.27 -25.80
N MET B 3 35.69 -19.76 -28.36
CA MET B 3 35.97 -19.28 -26.97
C MET B 3 35.13 -20.06 -25.96
N ILE B 4 35.26 -21.38 -25.99
CA ILE B 4 34.54 -22.25 -25.10
C ILE B 4 35.36 -22.39 -23.82
N LEU B 5 34.69 -22.49 -22.68
CA LEU B 5 35.36 -23.01 -21.50
C LEU B 5 35.39 -24.53 -21.61
N GLU B 6 36.59 -25.09 -21.67
CA GLU B 6 36.76 -26.54 -21.75
C GLU B 6 37.02 -27.13 -20.37
N GLU B 7 37.12 -28.46 -20.30
CA GLU B 7 37.31 -29.16 -19.03
C GLU B 7 38.45 -28.60 -18.18
N LYS B 8 39.61 -28.44 -18.79
CA LYS B 8 40.83 -28.01 -18.09
C LYS B 8 40.67 -26.68 -17.35
N ASP B 9 39.81 -25.81 -17.86
CA ASP B 9 39.50 -24.52 -17.24
C ASP B 9 38.79 -24.67 -15.88
N ALA B 10 38.18 -25.83 -15.65
CA ALA B 10 37.46 -26.11 -14.41
C ALA B 10 38.27 -25.82 -13.15
N SER B 11 39.55 -26.17 -13.14
CA SER B 11 40.38 -26.00 -11.96
C SER B 11 40.61 -24.52 -11.62
N ASP B 12 40.33 -23.63 -12.57
CA ASP B 12 40.56 -22.20 -12.38
C ASP B 12 39.43 -21.44 -11.66
N TRP B 13 38.30 -22.10 -11.46
CA TRP B 13 37.18 -21.48 -10.75
C TRP B 13 36.98 -22.13 -9.40
N ILE B 14 36.80 -21.31 -8.37
CA ILE B 14 36.59 -21.80 -7.01
C ILE B 14 35.21 -21.36 -6.50
N TYR B 15 34.60 -22.18 -5.65
CA TYR B 15 33.28 -21.92 -5.09
C TYR B 15 33.15 -20.56 -4.42
N ARG B 16 31.99 -19.94 -4.57
CA ARG B 16 31.74 -18.62 -4.01
C ARG B 16 30.46 -18.58 -3.17
N GLY B 17 29.40 -19.22 -3.68
CA GLY B 17 28.12 -19.31 -2.98
C GLY B 17 27.06 -19.81 -3.93
N GLU B 18 25.84 -19.97 -3.43
CA GLU B 18 24.73 -20.36 -4.28
C GLU B 18 23.36 -19.91 -3.79
N GLY B 19 22.53 -19.49 -4.73
CA GLY B 19 21.11 -19.30 -4.48
C GLY B 19 20.37 -20.62 -4.65
N GLY B 20 19.07 -20.55 -4.90
CA GLY B 20 18.27 -21.74 -5.12
C GLY B 20 18.33 -22.16 -6.58
N ALA B 21 18.61 -21.20 -7.45
CA ALA B 21 18.57 -21.40 -8.90
C ALA B 21 19.97 -21.27 -9.53
N ASN B 22 20.88 -20.57 -8.85
CA ASN B 22 22.23 -20.37 -9.38
C ASN B 22 23.37 -20.71 -8.44
N LEU B 23 24.37 -21.37 -9.00
CA LEU B 23 25.64 -21.61 -8.34
C LEU B 23 26.61 -20.56 -8.85
N VAL B 24 27.47 -20.03 -7.97
CA VAL B 24 28.41 -18.99 -8.39
C VAL B 24 29.86 -19.31 -8.01
N LEU B 25 30.73 -19.32 -9.01
CA LEU B 25 32.16 -19.50 -8.77
C LEU B 25 32.94 -18.23 -9.06
N ALA B 26 33.97 -17.98 -8.27
CA ALA B 26 34.87 -16.85 -8.50
C ALA B 26 36.15 -17.33 -9.17
N TYR B 27 36.67 -16.54 -10.11
CA TYR B 27 37.88 -16.88 -10.85
C TYR B 27 39.13 -16.88 -9.98
N ALA B 28 40.09 -17.75 -10.32
CA ALA B 28 41.33 -17.87 -9.53
C ALA B 28 42.57 -17.85 -10.41
N GLY B 29 42.40 -18.09 -11.71
CA GLY B 29 43.51 -18.13 -12.66
C GLY B 29 44.05 -16.75 -12.96
N SER B 30 44.80 -16.63 -14.05
CA SER B 30 45.43 -15.35 -14.41
C SER B 30 45.10 -14.86 -15.83
N SER B 31 44.16 -15.54 -16.48
CA SER B 31 43.68 -15.12 -17.79
C SER B 31 43.01 -13.76 -17.68
N PRO B 32 43.56 -12.74 -18.38
CA PRO B 32 43.06 -11.36 -18.38
C PRO B 32 41.56 -11.27 -18.60
N LEU B 33 40.99 -12.24 -19.30
CA LEU B 33 39.57 -12.27 -19.59
C LEU B 33 38.69 -12.40 -18.35
N PHE B 34 39.17 -13.16 -17.36
CA PHE B 34 38.33 -13.56 -16.23
C PHE B 34 38.81 -13.06 -14.87
N VAL B 35 39.96 -12.41 -14.83
CA VAL B 35 40.47 -11.82 -13.59
C VAL B 35 39.44 -10.83 -13.06
N GLY B 36 39.06 -11.01 -11.79
CA GLY B 36 38.09 -10.14 -11.13
C GLY B 36 36.65 -10.33 -11.60
N LYS B 37 36.37 -11.53 -12.10
CA LYS B 37 35.02 -11.86 -12.56
C LYS B 37 34.49 -13.07 -11.80
N VAL B 38 33.18 -13.26 -11.86
CA VAL B 38 32.54 -14.47 -11.34
C VAL B 38 31.72 -15.14 -12.43
N ILE B 39 31.49 -16.44 -12.30
CA ILE B 39 30.62 -17.15 -13.24
C ILE B 39 29.34 -17.58 -12.55
N ARG B 40 28.21 -17.27 -13.16
CA ARG B 40 26.91 -17.59 -12.63
C ARG B 40 26.33 -18.75 -13.47
N ILE B 41 26.14 -19.90 -12.84
CA ILE B 41 25.72 -21.09 -13.56
C ILE B 41 24.34 -21.53 -13.12
N GLN B 42 23.45 -21.72 -14.08
CA GLN B 42 22.10 -22.15 -13.78
C GLN B 42 22.04 -23.63 -13.35
N LYS B 43 21.26 -23.87 -12.30
CA LYS B 43 21.07 -25.20 -11.74
C LYS B 43 19.89 -25.90 -12.37
N ALA B 44 19.97 -27.23 -12.43
CA ALA B 44 18.90 -28.07 -12.94
C ALA B 44 18.11 -28.63 -11.77
N ARG B 45 16.94 -28.06 -11.53
CA ARG B 45 16.11 -28.46 -10.40
C ARG B 45 15.39 -29.76 -10.69
N ARG B 46 15.53 -30.68 -9.75
CA ARG B 46 14.89 -32.00 -9.79
C ARG B 46 13.40 -31.92 -9.51
N ASN B 47 12.97 -30.79 -8.92
CA ASN B 47 11.55 -30.45 -8.75
C ASN B 47 10.80 -30.47 -10.07
N ASP B 48 11.17 -29.55 -10.97
CA ASP B 48 10.61 -29.49 -12.31
C ASP B 48 11.50 -30.23 -13.33
N LYS B 49 11.30 -31.54 -13.43
CA LYS B 49 11.92 -32.34 -14.48
C LYS B 49 11.03 -32.27 -15.74
N ALA B 50 11.37 -31.33 -16.62
CA ALA B 50 10.51 -30.90 -17.73
C ALA B 50 10.41 -31.86 -18.92
N ILE B 51 9.83 -31.37 -20.02
CA ILE B 51 9.79 -32.07 -21.31
C ILE B 51 10.89 -31.49 -22.22
N LYS B 52 11.74 -32.36 -22.75
CA LYS B 52 12.84 -31.95 -23.63
C LYS B 52 12.77 -32.67 -24.98
N ASN B 53 13.63 -32.27 -25.92
CA ASN B 53 13.77 -32.96 -27.21
C ASN B 53 15.10 -33.73 -27.29
N VAL B 57 17.77 -30.45 -24.01
CA VAL B 57 16.99 -29.73 -25.01
C VAL B 57 15.66 -29.23 -24.41
N VAL B 58 15.74 -28.67 -23.19
CA VAL B 58 14.55 -28.14 -22.49
C VAL B 58 14.21 -26.73 -22.97
N SER B 59 12.99 -26.58 -23.48
CA SER B 59 12.47 -25.34 -24.04
C SER B 59 12.68 -24.13 -23.14
N VAL B 60 12.88 -22.95 -23.73
CA VAL B 60 13.23 -21.80 -22.88
C VAL B 60 12.02 -21.13 -22.22
N LEU B 61 10.84 -21.24 -22.82
CA LEU B 61 9.63 -20.70 -22.22
C LEU B 61 8.46 -21.61 -22.55
N THR B 62 7.51 -21.70 -21.61
CA THR B 62 6.28 -22.47 -21.81
C THR B 62 5.33 -21.75 -22.77
N SER B 63 4.38 -22.50 -23.32
CA SER B 63 3.40 -21.94 -24.26
C SER B 63 2.73 -20.70 -23.68
N ASP B 64 2.45 -20.75 -22.37
CA ASP B 64 1.81 -19.67 -21.64
C ASP B 64 2.78 -18.49 -21.42
N GLU B 65 4.04 -18.82 -21.19
CA GLU B 65 5.06 -17.81 -20.95
C GLU B 65 5.35 -16.91 -22.16
N GLN B 66 5.21 -17.46 -23.36
CA GLN B 66 5.34 -16.69 -24.60
C GLN B 66 4.18 -15.71 -24.72
N HIS B 67 3.00 -16.18 -24.31
CA HIS B 67 1.80 -15.37 -24.31
C HIS B 67 1.97 -14.14 -23.41
N LEU B 68 2.57 -14.35 -22.23
CA LEU B 68 2.75 -13.29 -21.25
C LEU B 68 3.84 -12.28 -21.61
N TRP B 69 4.99 -12.78 -22.02
CA TRP B 69 6.13 -11.93 -22.34
C TRP B 69 6.12 -11.51 -23.80
N ARG B 70 4.95 -11.66 -24.41
CA ARG B 70 4.71 -11.31 -25.81
C ARG B 70 5.16 -9.89 -26.18
N GLU B 71 4.88 -8.91 -25.32
CA GLU B 71 5.24 -7.51 -25.56
C GLU B 71 6.74 -7.32 -25.73
N ASN B 72 7.51 -8.30 -25.28
CA ASN B 72 8.96 -8.27 -25.27
C ASN B 72 9.53 -9.42 -26.11
N ASN B 73 9.56 -9.24 -27.42
CA ASN B 73 9.92 -10.34 -28.32
C ASN B 73 11.33 -10.88 -28.13
N GLU B 74 12.29 -9.98 -27.91
CA GLU B 74 13.69 -10.36 -27.66
C GLU B 74 13.78 -11.41 -26.56
N LEU B 75 12.79 -11.40 -25.69
CA LEU B 75 12.66 -12.39 -24.64
C LEU B 75 12.17 -13.71 -25.21
N ILE B 76 10.97 -13.71 -25.77
CA ILE B 76 10.33 -14.96 -26.27
C ILE B 76 11.15 -15.73 -27.30
N SER B 77 12.06 -15.04 -27.99
CA SER B 77 12.85 -15.65 -29.04
C SER B 77 14.31 -15.82 -28.63
N SER B 78 14.52 -16.39 -27.46
CA SER B 78 15.87 -16.60 -26.93
C SER B 78 16.36 -18.03 -27.13
N PRO B 79 17.65 -18.20 -27.47
CA PRO B 79 18.27 -19.51 -27.73
C PRO B 79 18.36 -20.41 -26.51
N ASN B 80 18.67 -19.82 -25.36
CA ASN B 80 18.83 -20.57 -24.14
C ASN B 80 18.34 -19.75 -22.94
N LYS B 81 18.38 -20.36 -21.76
CA LYS B 81 17.92 -19.70 -20.55
C LYS B 81 18.89 -18.62 -20.08
N GLU B 82 20.17 -18.78 -20.42
CA GLU B 82 21.21 -17.80 -20.11
C GLU B 82 20.91 -16.45 -20.77
N VAL B 83 20.65 -16.45 -22.08
CA VAL B 83 20.32 -15.23 -22.82
C VAL B 83 18.95 -14.70 -22.41
N LEU B 84 18.01 -15.61 -22.12
CA LEU B 84 16.71 -15.26 -21.57
C LEU B 84 16.84 -14.41 -20.31
N GLU B 85 17.67 -14.87 -19.37
CA GLU B 85 17.93 -14.13 -18.13
C GLU B 85 18.58 -12.79 -18.41
N GLN B 86 19.53 -12.82 -19.34
CA GLN B 86 20.26 -11.64 -19.75
C GLN B 86 19.29 -10.60 -20.28
N ARG B 87 18.48 -11.00 -21.27
CA ARG B 87 17.57 -10.08 -21.94
C ARG B 87 16.44 -9.60 -21.02
N TYR B 88 16.08 -10.41 -20.03
CA TYR B 88 15.12 -10.03 -19.02
C TYR B 88 15.67 -8.86 -18.22
N VAL B 89 16.89 -9.02 -17.72
CA VAL B 89 17.53 -7.98 -16.94
C VAL B 89 17.68 -6.74 -17.79
N GLN B 90 18.10 -6.93 -19.04
CA GLN B 90 18.41 -5.84 -19.95
C GLN B 90 17.18 -5.08 -20.46
N ASN B 91 16.12 -5.81 -20.80
CA ASN B 91 14.96 -5.21 -21.43
C ASN B 91 13.78 -4.95 -20.50
N VAL B 92 13.74 -5.65 -19.37
CA VAL B 92 12.61 -5.51 -18.45
C VAL B 92 13.03 -4.85 -17.15
N ILE B 93 14.18 -5.26 -16.61
CA ILE B 93 14.61 -4.76 -15.30
C ILE B 93 15.33 -3.40 -15.36
N ILE B 94 16.35 -3.28 -16.20
CA ILE B 94 17.08 -2.02 -16.36
C ILE B 94 16.15 -0.81 -16.49
N PRO B 95 15.19 -0.83 -17.43
CA PRO B 95 14.30 0.33 -17.60
C PRO B 95 13.53 0.69 -16.33
N LEU B 96 13.41 -0.24 -15.41
CA LEU B 96 12.67 -0.03 -14.18
C LEU B 96 13.56 0.44 -13.04
N LEU B 97 14.84 0.08 -13.09
CA LEU B 97 15.78 0.34 -11.99
C LEU B 97 16.91 1.33 -12.28
N GLY B 98 17.30 1.43 -13.55
CA GLY B 98 18.43 2.25 -13.95
C GLY B 98 19.66 1.40 -14.19
N PRO B 99 20.37 1.67 -15.29
CA PRO B 99 21.53 0.86 -15.73
C PRO B 99 22.80 1.09 -14.88
N LYS B 100 22.76 2.10 -14.03
CA LYS B 100 23.88 2.54 -13.21
C LYS B 100 24.24 1.49 -12.16
N HIS B 101 23.23 0.81 -11.63
CA HIS B 101 23.43 -0.13 -10.54
C HIS B 101 23.19 -1.57 -10.94
N VAL B 102 22.85 -1.80 -12.21
CA VAL B 102 22.53 -3.14 -12.68
C VAL B 102 23.37 -3.47 -13.89
N ASP B 103 24.06 -4.60 -13.86
CA ASP B 103 24.65 -5.14 -15.08
C ASP B 103 24.17 -6.56 -15.39
N ALA B 104 23.87 -6.79 -16.67
CA ALA B 104 23.19 -8.00 -17.14
C ALA B 104 24.10 -9.21 -17.32
N GLY B 105 25.41 -8.95 -17.44
CA GLY B 105 26.41 -10.01 -17.55
C GLY B 105 26.61 -10.54 -18.95
N VAL B 106 27.87 -10.76 -19.31
CA VAL B 106 28.26 -11.26 -20.62
C VAL B 106 28.11 -12.78 -20.69
N ARG B 107 27.51 -13.28 -21.78
CA ARG B 107 27.34 -14.71 -21.98
C ARG B 107 28.68 -15.38 -22.34
N VAL B 108 28.82 -16.66 -22.05
CA VAL B 108 29.98 -17.45 -22.46
C VAL B 108 29.64 -18.92 -22.70
N SER B 109 30.24 -19.49 -23.75
CA SER B 109 30.03 -20.89 -24.08
C SER B 109 30.79 -21.76 -23.10
N VAL B 110 30.16 -22.84 -22.68
CA VAL B 110 30.79 -23.80 -21.78
C VAL B 110 30.60 -25.22 -22.28
N SER B 111 31.61 -26.05 -22.07
CA SER B 111 31.53 -27.46 -22.45
C SER B 111 30.89 -28.28 -21.32
N LYS B 112 30.29 -29.41 -21.70
CA LYS B 112 29.70 -30.35 -20.75
C LYS B 112 30.73 -30.85 -19.75
N GLU B 113 31.94 -31.15 -20.23
CA GLU B 113 33.05 -31.60 -19.38
C GLU B 113 33.44 -30.54 -18.35
N PHE B 114 33.48 -29.27 -18.77
CA PHE B 114 33.76 -28.16 -17.87
C PHE B 114 32.76 -28.15 -16.73
N LEU B 115 31.48 -28.19 -17.08
CA LEU B 115 30.41 -28.14 -16.10
C LEU B 115 30.45 -29.32 -15.14
N GLU B 116 30.59 -30.53 -15.68
CA GLU B 116 30.67 -31.74 -14.86
C GLU B 116 31.86 -31.71 -13.94
N CYS B 117 32.96 -31.15 -14.44
CA CYS B 117 34.17 -31.02 -13.65
C CYS B 117 33.98 -30.03 -12.51
N VAL B 118 33.33 -28.90 -12.82
CA VAL B 118 33.05 -27.88 -11.83
C VAL B 118 32.13 -28.40 -10.73
N ASP B 119 31.08 -29.10 -11.13
CA ASP B 119 30.10 -29.63 -10.20
C ASP B 119 30.75 -30.51 -9.17
N LYS B 120 31.60 -31.42 -9.64
CA LYS B 120 32.29 -32.35 -8.76
C LYS B 120 33.35 -31.63 -7.93
N LYS B 121 34.07 -30.70 -8.56
CA LYS B 121 35.09 -29.91 -7.87
C LYS B 121 34.55 -29.21 -6.62
N VAL B 122 33.32 -28.70 -6.71
CA VAL B 122 32.73 -27.86 -5.65
C VAL B 122 31.79 -28.59 -4.67
N THR B 123 31.41 -29.81 -5.02
CA THR B 123 30.47 -30.59 -4.22
C THR B 123 30.81 -30.57 -2.73
N LYS B 124 32.10 -30.62 -2.41
CA LYS B 124 32.52 -30.67 -1.02
C LYS B 124 32.28 -29.37 -0.24
N GLN B 125 32.25 -28.23 -0.94
CA GLN B 125 32.06 -26.93 -0.28
C GLN B 125 30.60 -26.48 -0.22
N ARG B 126 29.72 -27.33 -0.74
CA ARG B 126 28.30 -27.03 -0.83
C ARG B 126 27.53 -27.57 0.36
N PRO B 127 26.45 -26.88 0.76
CA PRO B 127 25.55 -27.39 1.78
C PRO B 127 24.94 -28.69 1.29
N LEU B 128 24.85 -29.70 2.16
CA LEU B 128 24.31 -31.00 1.75
C LEU B 128 22.90 -30.87 1.19
N TRP B 129 22.01 -30.17 1.91
CA TRP B 129 20.64 -29.99 1.46
C TRP B 129 20.52 -29.32 0.09
N ARG B 130 21.49 -28.49 -0.25
CA ARG B 130 21.55 -27.86 -1.58
C ARG B 130 21.85 -28.89 -2.66
N VAL B 131 22.80 -29.78 -2.37
CA VAL B 131 23.25 -30.83 -3.28
C VAL B 131 22.11 -31.81 -3.51
N ASN B 132 21.39 -32.14 -2.45
CA ASN B 132 20.21 -32.99 -2.53
C ASN B 132 19.18 -32.43 -3.50
N ALA B 133 19.09 -31.11 -3.59
CA ALA B 133 18.03 -30.46 -4.36
C ALA B 133 18.35 -30.25 -5.84
N ALA B 134 19.59 -29.92 -6.17
CA ALA B 134 19.99 -29.65 -7.56
C ALA B 134 21.50 -29.69 -7.77
N ASN B 135 21.92 -30.00 -9.00
CA ASN B 135 23.30 -29.78 -9.44
C ASN B 135 23.33 -28.81 -10.60
N VAL B 136 24.51 -28.56 -11.14
CA VAL B 136 24.61 -27.75 -12.34
C VAL B 136 23.93 -28.47 -13.49
N ASP B 137 23.18 -27.71 -14.29
CA ASP B 137 22.54 -28.24 -15.48
C ASP B 137 23.64 -28.40 -16.53
N THR B 138 24.06 -29.64 -16.73
CA THR B 138 25.17 -29.94 -17.62
C THR B 138 24.71 -30.03 -19.07
N SER B 139 23.41 -29.86 -19.29
CA SER B 139 22.87 -29.84 -20.64
C SER B 139 23.07 -28.49 -21.32
N HIS B 140 23.22 -27.43 -20.52
CA HIS B 140 23.40 -26.08 -21.05
C HIS B 140 24.77 -25.90 -21.66
N ASP B 141 24.81 -25.14 -22.76
CA ASP B 141 26.06 -24.85 -23.46
C ASP B 141 26.58 -23.47 -23.05
N SER B 142 25.78 -22.77 -22.25
CA SER B 142 26.09 -21.40 -21.87
C SER B 142 26.21 -21.16 -20.36
N ALA B 143 26.86 -20.06 -20.01
CA ALA B 143 26.95 -19.58 -18.64
C ALA B 143 27.10 -18.07 -18.65
N LEU B 144 27.03 -17.44 -17.48
CA LEU B 144 27.14 -15.98 -17.40
C LEU B 144 28.35 -15.50 -16.63
N ILE B 145 29.04 -14.54 -17.22
CA ILE B 145 30.14 -13.84 -16.55
C ILE B 145 29.68 -12.45 -16.14
N LEU B 146 29.64 -12.23 -14.83
CA LEU B 146 29.33 -10.94 -14.25
C LEU B 146 30.61 -10.39 -13.61
N ASN B 147 30.57 -9.15 -13.16
CA ASN B 147 31.68 -8.57 -12.42
C ASN B 147 31.68 -9.05 -10.98
N ASP B 148 32.85 -9.06 -10.37
CA ASP B 148 32.95 -9.46 -8.98
C ASP B 148 32.87 -8.25 -8.08
N HIS B 149 31.66 -7.91 -7.65
CA HIS B 149 31.40 -6.68 -6.91
C HIS B 149 31.92 -6.71 -5.48
N SER B 150 32.72 -7.72 -5.16
CA SER B 150 33.36 -7.81 -3.84
C SER B 150 34.75 -7.20 -3.88
N LEU B 151 35.24 -6.91 -5.07
CA LEU B 151 36.41 -6.00 -5.21
C LEU B 151 35.94 -4.63 -5.76
N PHE B 152 36.47 -3.57 -5.16
CA PHE B 152 35.94 -2.23 -5.43
C PHE B 152 36.10 -1.87 -6.91
N SER B 153 37.21 -2.28 -7.50
CA SER B 153 37.37 -2.27 -8.98
C SER B 153 38.34 -3.36 -9.48
N GLN B 154 38.44 -3.49 -10.79
CA GLN B 154 39.32 -4.49 -11.39
C GLN B 154 40.71 -3.90 -11.68
N GLY B 155 41.75 -4.62 -11.25
CA GLY B 155 43.15 -4.21 -11.46
C GLY B 155 43.56 -3.02 -10.61
N GLY B 159 43.08 0.24 -4.17
CA GLY B 159 44.38 0.33 -3.49
C GLY B 159 44.70 -0.95 -2.75
N GLY B 160 43.90 -1.23 -1.71
CA GLY B 160 44.05 -2.44 -0.92
C GLY B 160 42.76 -3.17 -0.63
N ASP B 161 42.57 -3.51 0.64
CA ASP B 161 41.45 -4.31 1.12
C ASP B 161 40.07 -3.76 0.74
N CYS B 162 39.30 -4.57 0.04
CA CYS B 162 37.94 -4.23 -0.27
C CYS B 162 37.02 -5.07 0.61
N ILE B 163 36.26 -4.40 1.47
CA ILE B 163 35.19 -5.05 2.23
C ILE B 163 33.90 -4.85 1.45
N SER B 164 33.11 -5.91 1.34
CA SER B 164 31.82 -5.78 0.68
C SER B 164 30.75 -6.52 1.48
N VAL B 165 29.52 -6.03 1.36
CA VAL B 165 28.39 -6.55 2.10
C VAL B 165 27.30 -6.95 1.13
N GLU B 166 26.74 -8.14 1.33
CA GLU B 166 25.66 -8.60 0.47
C GLU B 166 24.39 -8.74 1.27
N ILE B 167 23.38 -7.92 0.96
CA ILE B 167 22.11 -7.93 1.69
C ILE B 167 21.01 -8.47 0.79
N LYS B 168 20.23 -9.41 1.32
CA LYS B 168 19.04 -9.91 0.63
C LYS B 168 17.85 -9.33 1.37
N PRO B 169 17.43 -8.11 0.99
CA PRO B 169 16.51 -7.33 1.80
C PRO B 169 15.09 -7.88 1.87
N LYS B 170 14.71 -8.71 0.88
CA LYS B 170 13.32 -9.21 0.76
C LYS B 170 12.28 -8.08 0.68
N CYS B 171 11.01 -8.39 0.86
CA CYS B 171 9.98 -7.39 0.63
C CYS B 171 9.80 -6.46 1.83
N GLY B 172 9.88 -5.16 1.56
CA GLY B 172 9.78 -4.14 2.58
C GLY B 172 8.57 -3.22 2.51
N PHE B 173 7.42 -3.77 2.13
CA PHE B 173 6.17 -3.03 2.30
C PHE B 173 5.05 -3.97 2.72
N LEU B 174 4.05 -3.40 3.38
CA LEU B 174 2.86 -4.13 3.77
C LEU B 174 1.85 -4.02 2.65
N PRO B 175 1.14 -5.13 2.37
CA PRO B 175 0.13 -5.09 1.33
C PRO B 175 -1.04 -4.21 1.75
N THR B 176 -1.84 -3.81 0.78
CA THR B 176 -2.94 -2.89 1.02
C THR B 176 -4.19 -3.33 0.26
N SER B 177 -4.05 -4.44 -0.48
CA SER B 177 -5.07 -4.97 -1.38
C SER B 177 -6.47 -5.21 -0.78
N ARG B 178 -7.49 -4.87 -1.58
CA ARG B 178 -8.89 -5.19 -1.27
C ARG B 178 -9.10 -6.68 -1.24
N PHE B 179 -8.31 -7.41 -2.03
CA PHE B 179 -8.53 -8.82 -2.29
C PHE B 179 -7.96 -9.71 -1.20
N ILE B 180 -7.41 -9.09 -0.15
CA ILE B 180 -7.02 -9.83 1.02
C ILE B 180 -8.26 -10.23 1.82
N GLY B 181 -8.42 -11.55 1.97
CA GLY B 181 -9.55 -12.16 2.66
C GLY B 181 -9.72 -11.76 4.10
N LYS B 182 -10.88 -12.11 4.65
CA LYS B 182 -11.34 -11.68 5.96
C LYS B 182 -10.44 -12.14 7.11
N GLU B 183 -10.05 -13.41 7.08
CA GLU B 183 -9.26 -14.01 8.14
C GLU B 183 -7.79 -13.63 7.99
N ASN B 184 -7.40 -13.29 6.76
CA ASN B 184 -6.01 -13.03 6.43
C ASN B 184 -5.61 -11.56 6.61
N MET B 185 -6.50 -10.76 7.18
CA MET B 185 -6.28 -9.31 7.30
C MET B 185 -5.11 -8.92 8.22
N LEU B 186 -4.44 -9.91 8.79
CA LEU B 186 -3.26 -9.66 9.59
C LEU B 186 -2.04 -9.38 8.70
N LYS B 187 -2.16 -9.73 7.42
CA LYS B 187 -1.13 -9.46 6.42
C LYS B 187 -0.91 -7.96 6.26
N THR B 188 -1.90 -7.19 6.69
CA THR B 188 -1.87 -5.73 6.63
C THR B 188 -0.91 -5.13 7.65
N SER B 189 -0.80 -5.77 8.81
CA SER B 189 0.03 -5.27 9.91
C SER B 189 1.45 -5.81 9.85
N VAL B 190 1.57 -7.14 9.75
CA VAL B 190 2.86 -7.82 9.90
C VAL B 190 3.52 -8.17 8.57
N SER B 191 4.79 -7.80 8.44
CA SER B 191 5.55 -8.07 7.22
C SER B 191 5.55 -9.56 6.88
N ARG B 192 5.63 -9.86 5.58
CA ARG B 192 5.68 -11.24 5.12
C ARG B 192 6.91 -11.92 5.68
N PHE B 193 8.01 -11.19 5.75
CA PHE B 193 9.27 -11.72 6.28
C PHE B 193 9.14 -12.25 7.71
N LYS B 194 8.51 -11.44 8.58
CA LYS B 194 8.31 -11.80 9.97
C LYS B 194 7.36 -12.99 10.14
N MET B 195 6.28 -13.00 9.35
CA MET B 195 5.34 -14.11 9.35
C MET B 195 5.99 -15.40 8.81
N HIS B 196 6.79 -15.26 7.76
CA HIS B 196 7.43 -16.40 7.12
C HIS B 196 8.45 -17.07 8.03
N GLN B 197 9.08 -16.28 8.92
CA GLN B 197 10.06 -16.75 9.91
C GLN B 197 9.46 -17.79 10.82
N LEU B 198 8.18 -17.62 11.16
CA LEU B 198 7.54 -18.56 12.05
C LEU B 198 7.34 -19.91 11.39
N LEU B 199 7.19 -19.90 10.07
CA LEU B 199 7.03 -21.16 9.35
C LEU B 199 8.37 -21.85 9.17
N LYS B 200 9.40 -21.08 8.84
CA LYS B 200 10.74 -21.62 8.64
C LYS B 200 11.22 -22.28 9.92
N LEU B 201 11.08 -21.56 11.02
CA LEU B 201 11.46 -22.04 12.33
C LEU B 201 10.66 -23.29 12.67
N GLU B 202 9.41 -23.32 12.24
CA GLU B 202 8.54 -24.47 12.44
C GLU B 202 9.00 -25.65 11.60
N TYR B 203 9.52 -25.36 10.41
CA TYR B 203 9.93 -26.39 9.48
C TYR B 203 11.40 -26.72 9.63
N ILE B 204 11.96 -26.35 10.78
CA ILE B 204 13.39 -26.56 11.09
C ILE B 204 14.29 -26.08 9.92
N GLU B 205 14.03 -24.86 9.46
CA GLU B 205 14.77 -24.26 8.36
C GLU B 205 15.69 -23.18 8.89
N ILE B 206 15.42 -22.73 10.12
CA ILE B 206 16.26 -21.76 10.82
C ILE B 206 16.26 -22.10 12.29
N SER B 207 17.25 -21.62 13.02
CA SER B 207 17.47 -22.03 14.42
C SER B 207 16.68 -21.18 15.41
N GLU B 208 16.56 -19.90 15.11
CA GLU B 208 15.75 -18.99 15.90
C GLU B 208 15.23 -17.90 14.99
N GLU B 209 14.13 -17.27 15.40
CA GLU B 209 13.55 -16.17 14.66
C GLU B 209 14.59 -15.04 14.45
N SER B 210 14.71 -14.55 13.23
CA SER B 210 15.59 -13.42 12.93
C SER B 210 15.11 -12.12 13.58
N GLU B 211 16.04 -11.21 13.82
CA GLU B 211 15.73 -9.92 14.43
C GLU B 211 15.37 -8.87 13.37
N TYR B 212 15.57 -9.23 12.10
CA TYR B 212 15.45 -8.30 10.99
C TYR B 212 14.01 -8.08 10.58
N ASP B 213 13.66 -6.82 10.32
CA ASP B 213 12.35 -6.43 9.79
C ASP B 213 12.57 -5.52 8.60
N PRO B 214 12.33 -6.02 7.37
CA PRO B 214 12.63 -5.27 6.14
C PRO B 214 11.98 -3.91 6.09
N LEU B 215 10.92 -3.70 6.87
CA LEU B 215 10.23 -2.41 6.94
C LEU B 215 11.13 -1.33 7.51
N ASP B 216 12.03 -1.72 8.41
CA ASP B 216 13.03 -0.82 8.96
C ASP B 216 14.05 -0.45 7.90
N LEU B 217 14.50 -1.44 7.13
CA LEU B 217 15.50 -1.21 6.09
C LEU B 217 14.99 -0.26 5.00
N PHE B 218 13.75 -0.46 4.57
CA PHE B 218 13.17 0.33 3.51
C PHE B 218 12.49 1.62 3.98
N SER B 219 12.47 1.83 5.30
CA SER B 219 11.66 2.89 5.93
C SER B 219 12.02 4.32 5.52
N GLY B 220 13.23 4.49 4.99
CA GLY B 220 13.74 5.81 4.66
C GLY B 220 14.15 6.63 5.89
N SER B 221 14.12 5.99 7.07
CA SER B 221 14.54 6.60 8.34
C SER B 221 15.94 6.16 8.74
N LYS B 222 16.80 7.14 9.05
CA LYS B 222 18.21 6.90 9.34
C LYS B 222 18.47 5.86 10.45
N GLU B 223 17.82 5.98 11.61
CA GLU B 223 18.07 5.03 12.71
C GLU B 223 17.40 3.69 12.49
N ARG B 224 16.30 3.68 11.75
CA ARG B 224 15.59 2.44 11.49
C ARG B 224 16.42 1.61 10.51
N VAL B 225 17.18 2.29 9.65
CA VAL B 225 18.10 1.59 8.77
C VAL B 225 19.22 0.96 9.59
N LEU B 226 19.79 1.72 10.52
CA LEU B 226 20.82 1.23 11.42
C LEU B 226 20.33 0.02 12.19
N GLU B 227 19.10 0.12 12.71
CA GLU B 227 18.44 -0.94 13.45
C GLU B 227 18.41 -2.21 12.64
N ALA B 228 18.07 -2.05 11.36
CA ALA B 228 18.02 -3.16 10.43
C ALA B 228 19.41 -3.79 10.24
N ILE B 229 20.43 -2.97 9.97
CA ILE B 229 21.78 -3.49 9.76
C ILE B 229 22.29 -4.19 11.02
N LYS B 230 21.96 -3.65 12.20
CA LYS B 230 22.34 -4.27 13.46
C LYS B 230 21.69 -5.63 13.57
N ALA B 231 20.41 -5.67 13.22
CA ALA B 231 19.62 -6.91 13.23
C ALA B 231 20.25 -7.95 12.33
N LEU B 232 20.46 -7.57 11.08
CA LEU B 232 21.10 -8.41 10.08
C LEU B 232 22.41 -9.04 10.57
N TYR B 233 23.29 -8.23 11.13
CA TYR B 233 24.49 -8.72 11.75
C TYR B 233 24.18 -9.81 12.78
N SER B 234 23.23 -9.55 13.69
CA SER B 234 22.90 -10.48 14.78
C SER B 234 22.41 -11.85 14.31
N THR B 235 21.47 -11.83 13.38
CA THR B 235 20.88 -13.04 12.84
C THR B 235 20.90 -12.94 11.31
N PRO B 236 22.06 -13.23 10.69
CA PRO B 236 22.20 -13.06 9.24
C PRO B 236 21.35 -14.02 8.40
N GLN B 237 21.12 -15.23 8.91
CA GLN B 237 20.43 -16.25 8.15
C GLN B 237 20.91 -16.19 6.70
N ASN B 238 20.00 -15.98 5.75
CA ASN B 238 20.39 -15.91 4.35
C ASN B 238 20.38 -14.48 3.81
N ASN B 239 20.31 -13.51 4.71
CA ASN B 239 20.09 -12.11 4.33
C ASN B 239 21.33 -11.16 4.46
N PHE B 240 22.41 -11.64 5.07
CA PHE B 240 23.58 -10.81 5.33
C PHE B 240 24.86 -11.57 5.15
N ARG B 241 25.76 -11.00 4.36
CA ARG B 241 27.07 -11.60 4.11
C ARG B 241 28.11 -10.49 4.00
N VAL B 242 29.30 -10.75 4.52
CA VAL B 242 30.40 -9.81 4.41
C VAL B 242 31.62 -10.51 3.85
N PHE B 243 32.26 -9.87 2.89
CA PHE B 243 33.46 -10.39 2.25
C PHE B 243 34.66 -9.49 2.45
N LEU B 244 35.82 -10.10 2.71
CA LEU B 244 37.11 -9.43 2.68
C LEU B 244 37.84 -9.96 1.46
N ASN B 245 38.07 -9.10 0.46
CA ASN B 245 38.80 -9.48 -0.77
C ASN B 245 38.26 -10.75 -1.40
N GLY B 246 36.94 -10.93 -1.32
CA GLY B 246 36.28 -12.07 -1.94
C GLY B 246 36.05 -13.23 -1.00
N SER B 247 36.70 -13.20 0.16
CA SER B 247 36.57 -14.27 1.15
C SER B 247 35.47 -13.96 2.14
N LEU B 248 34.58 -14.93 2.33
CA LEU B 248 33.47 -14.81 3.25
C LEU B 248 33.96 -14.71 4.69
N ILE B 249 33.61 -13.62 5.36
CA ILE B 249 34.07 -13.38 6.75
C ILE B 249 32.92 -13.27 7.75
N LEU B 250 31.68 -13.29 7.25
CA LEU B 250 30.46 -13.32 8.06
C LEU B 250 29.27 -13.75 7.24
N GLY B 251 28.44 -14.60 7.81
CA GLY B 251 27.27 -15.11 7.10
C GLY B 251 27.45 -16.49 6.50
N GLY B 252 26.33 -17.16 6.24
CA GLY B 252 26.33 -18.52 5.71
C GLY B 252 26.75 -18.64 4.26
N SER B 253 27.28 -19.80 3.90
CA SER B 253 27.78 -20.05 2.55
C SER B 253 26.83 -20.89 1.69
N GLY B 254 26.02 -20.21 0.87
CA GLY B 254 24.99 -20.86 0.06
C GLY B 254 23.82 -21.41 0.86
N GLU B 255 23.64 -20.89 2.08
CA GLU B 255 22.57 -21.26 3.02
C GLU B 255 22.45 -20.27 4.18
N SER B 256 21.32 -20.33 4.88
CA SER B 256 21.13 -19.60 6.13
C SER B 256 22.22 -19.94 7.14
N THR B 257 22.54 -18.99 8.02
CA THR B 257 23.44 -19.27 9.13
C THR B 257 22.81 -18.95 10.48
N GLY B 258 23.37 -19.53 11.54
CA GLY B 258 22.88 -19.32 12.92
C GLY B 258 23.20 -17.93 13.44
N ARG B 259 22.63 -17.60 14.60
CA ARG B 259 22.92 -16.34 15.31
C ARG B 259 24.42 -16.07 15.42
N THR B 260 24.81 -14.81 15.29
CA THR B 260 26.19 -14.44 15.50
C THR B 260 26.57 -14.59 16.96
N SER B 261 27.31 -15.65 17.25
CA SER B 261 27.81 -15.93 18.58
C SER B 261 29.01 -15.03 18.91
N PRO B 262 29.45 -14.99 20.18
CA PRO B 262 30.65 -14.24 20.53
C PRO B 262 31.90 -14.74 19.80
N GLU B 263 31.93 -16.03 19.47
CA GLU B 263 32.99 -16.65 18.67
C GLU B 263 33.04 -16.08 17.26
N ILE B 264 31.92 -16.20 16.54
CA ILE B 264 31.80 -15.64 15.21
C ILE B 264 32.09 -14.13 15.26
N GLY B 265 31.42 -13.44 16.18
CA GLY B 265 31.57 -12.01 16.34
C GLY B 265 33.01 -11.60 16.46
N TYR B 266 33.76 -12.31 17.31
CA TYR B 266 35.18 -12.01 17.51
C TYR B 266 35.98 -12.20 16.22
N ALA B 267 35.72 -13.29 15.52
CA ALA B 267 36.43 -13.60 14.29
C ALA B 267 36.27 -12.46 13.30
N PHE B 268 35.03 -12.02 13.11
CA PHE B 268 34.69 -10.90 12.25
C PHE B 268 35.37 -9.62 12.75
N GLU B 269 35.29 -9.37 14.06
CA GLU B 269 35.97 -8.23 14.68
C GLU B 269 37.46 -8.21 14.33
N ASP B 270 38.07 -9.38 14.29
CA ASP B 270 39.46 -9.49 13.95
C ASP B 270 39.68 -9.20 12.47
N ALA B 271 38.84 -9.80 11.63
CA ALA B 271 38.94 -9.68 10.17
C ALA B 271 38.92 -8.23 9.72
N LEU B 272 38.34 -7.39 10.57
CA LEU B 272 38.21 -5.98 10.29
C LEU B 272 39.46 -5.14 10.62
N LYS B 273 40.54 -5.79 11.04
CA LYS B 273 41.70 -5.03 11.53
C LYS B 273 42.38 -4.15 10.48
N GLY B 274 42.49 -4.62 9.25
CA GLY B 274 43.08 -3.82 8.18
C GLY B 274 42.07 -3.04 7.36
N PHE B 275 41.11 -2.42 8.01
CA PHE B 275 40.02 -1.71 7.34
C PHE B 275 39.47 -0.59 8.21
N ILE B 276 39.29 -0.89 9.48
CA ILE B 276 38.80 0.07 10.45
C ILE B 276 39.88 0.31 11.50
N GLN B 277 40.16 1.58 11.77
CA GLN B 277 41.32 1.95 12.57
C GLN B 277 41.04 2.26 14.04
N SER B 278 39.98 1.65 14.58
CA SER B 278 39.85 1.54 16.04
C SER B 278 40.48 0.21 16.48
N GLU B 279 40.50 -0.05 17.78
CA GLU B 279 41.16 -1.24 18.31
C GLU B 279 40.23 -1.99 19.25
N ASP B 280 39.56 -1.22 20.12
CA ASP B 280 38.93 -1.73 21.34
C ASP B 280 37.63 -2.51 21.11
N GLY B 281 37.66 -3.48 20.20
CA GLY B 281 36.46 -4.24 19.85
C GLY B 281 35.33 -3.32 19.43
N HIS B 282 35.70 -2.19 18.83
CA HIS B 282 34.74 -1.19 18.36
C HIS B 282 34.65 -1.17 16.84
N ARG B 283 35.42 -2.04 16.19
CA ARG B 283 35.42 -2.11 14.73
C ARG B 283 34.07 -2.56 14.19
N THR B 284 33.45 -3.52 14.87
CA THR B 284 32.16 -4.07 14.45
C THR B 284 31.04 -3.03 14.40
N GLU B 285 30.84 -2.30 15.51
CA GLU B 285 29.77 -1.31 15.58
C GLU B 285 30.00 -0.15 14.61
N CYS B 286 31.25 0.24 14.40
CA CYS B 286 31.59 1.24 13.39
C CYS B 286 31.36 0.74 11.96
N PHE B 287 31.68 -0.53 11.71
CA PHE B 287 31.39 -1.14 10.42
C PHE B 287 29.90 -1.11 10.14
N LEU B 288 29.11 -1.50 11.14
CA LEU B 288 27.67 -1.50 11.03
C LEU B 288 27.13 -0.09 10.71
N GLN B 289 27.67 0.91 11.41
CA GLN B 289 27.33 2.31 11.13
C GLN B 289 27.63 2.65 9.70
N LEU B 290 28.80 2.22 9.23
CA LEU B 290 29.25 2.47 7.87
C LEU B 290 28.28 1.89 6.81
N VAL B 291 27.91 0.62 6.98
CA VAL B 291 26.95 -0.03 6.09
C VAL B 291 25.61 0.71 6.10
N SER B 292 25.15 1.03 7.31
CA SER B 292 23.91 1.73 7.49
C SER B 292 23.92 3.06 6.72
N ASP B 293 25.01 3.80 6.86
CA ASP B 293 25.14 5.11 6.23
C ASP B 293 25.13 5.03 4.71
N ALA B 294 25.74 3.98 4.17
CA ALA B 294 25.82 3.79 2.73
C ALA B 294 24.46 3.42 2.18
N VAL B 295 23.82 2.46 2.83
CA VAL B 295 22.46 2.05 2.48
C VAL B 295 21.55 3.27 2.43
N TYR B 296 21.50 4.01 3.53
CA TYR B 296 20.64 5.18 3.65
C TYR B 296 21.01 6.28 2.67
N GLY B 297 22.29 6.62 2.63
CA GLY B 297 22.80 7.66 1.75
C GLY B 297 22.43 7.43 0.29
N SER B 298 22.76 6.24 -0.20
CA SER B 298 22.55 5.91 -1.61
C SER B 298 21.10 5.95 -2.02
N GLY B 299 20.20 5.70 -1.08
CA GLY B 299 18.76 5.61 -1.35
C GLY B 299 18.44 4.63 -2.45
N VAL B 300 19.26 3.59 -2.56
CA VAL B 300 19.14 2.62 -3.65
C VAL B 300 17.98 1.66 -3.37
N LEU B 301 17.56 1.62 -2.11
CA LEU B 301 16.46 0.77 -1.69
C LEU B 301 15.12 1.31 -2.20
N ASP B 302 15.01 2.63 -2.23
CA ASP B 302 13.79 3.29 -2.70
C ASP B 302 13.35 2.80 -4.09
N ARG B 303 14.28 2.73 -5.03
CA ARG B 303 13.97 2.29 -6.39
C ARG B 303 13.61 0.81 -6.43
N LEU B 304 14.24 0.01 -5.56
CA LEU B 304 13.94 -1.41 -5.50
C LEU B 304 12.52 -1.60 -4.96
N LEU B 305 12.22 -0.90 -3.86
CA LEU B 305 10.91 -1.00 -3.25
C LEU B 305 9.82 -0.70 -4.27
N GLU B 306 10.11 0.18 -5.20
CA GLU B 306 9.16 0.53 -6.25
C GLU B 306 8.86 -0.61 -7.19
N ILE B 307 9.91 -1.35 -7.60
CA ILE B 307 9.73 -2.58 -8.37
C ILE B 307 8.90 -3.56 -7.55
N GLN B 308 9.25 -3.72 -6.27
CA GLN B 308 8.51 -4.62 -5.39
C GLN B 308 7.03 -4.25 -5.36
N LYS B 309 6.74 -2.96 -5.23
CA LYS B 309 5.38 -2.48 -5.10
C LYS B 309 4.55 -2.65 -6.37
N LEU B 310 5.18 -3.20 -7.41
CA LEU B 310 4.45 -3.57 -8.63
C LEU B 310 3.54 -4.79 -8.41
N ASP B 311 3.72 -5.44 -7.26
CA ASP B 311 2.76 -6.41 -6.77
C ASP B 311 1.62 -5.61 -6.20
N LYS B 312 0.80 -5.07 -7.09
CA LYS B 312 -0.27 -4.15 -6.72
C LYS B 312 -1.44 -4.78 -5.98
N LEU B 313 -1.71 -6.05 -6.26
CA LEU B 313 -2.94 -6.70 -5.77
C LEU B 313 -2.71 -7.82 -4.78
N ASP B 314 -1.44 -8.15 -4.51
CA ASP B 314 -1.06 -9.26 -3.64
C ASP B 314 -1.48 -10.59 -4.24
N ILE B 315 -0.75 -11.65 -3.92
CA ILE B 315 -1.00 -12.97 -4.49
C ILE B 315 -2.49 -13.34 -4.46
N GLU B 316 -3.16 -13.00 -3.37
CA GLU B 316 -4.60 -13.26 -3.24
C GLU B 316 -5.42 -12.56 -4.30
N GLY B 317 -4.89 -11.46 -4.83
CA GLY B 317 -5.53 -10.75 -5.94
C GLY B 317 -5.06 -11.31 -7.27
N ALA B 318 -3.75 -11.29 -7.48
CA ALA B 318 -3.14 -11.67 -8.76
C ALA B 318 -3.43 -13.11 -9.18
N ILE B 319 -3.60 -14.01 -8.22
CA ILE B 319 -3.84 -15.42 -8.54
C ILE B 319 -5.01 -15.61 -9.51
N HIS B 320 -6.07 -14.82 -9.32
CA HIS B 320 -7.25 -14.92 -10.15
C HIS B 320 -6.94 -14.62 -11.60
N CYS B 321 -6.07 -13.63 -11.83
CA CYS B 321 -5.61 -13.31 -13.17
C CYS B 321 -4.83 -14.44 -13.80
N TYR B 322 -4.00 -15.10 -12.99
CA TYR B 322 -3.18 -16.19 -13.47
C TYR B 322 -4.02 -17.25 -14.16
N TYR B 323 -5.15 -17.60 -13.55
CA TYR B 323 -6.02 -18.63 -14.10
C TYR B 323 -6.70 -18.18 -15.37
N ASP B 324 -6.95 -16.88 -15.50
CA ASP B 324 -7.44 -16.31 -16.76
C ASP B 324 -6.34 -16.38 -17.82
N ILE B 325 -5.08 -16.17 -17.42
CA ILE B 325 -3.95 -16.21 -18.33
C ILE B 325 -3.81 -17.61 -18.92
N ILE B 326 -3.69 -18.61 -18.04
CA ILE B 326 -3.52 -20.00 -18.47
C ILE B 326 -4.82 -20.67 -18.86
N ASN B 327 -5.85 -19.84 -19.09
CA ASN B 327 -7.11 -20.24 -19.72
C ASN B 327 -7.80 -21.40 -19.01
N GLN B 328 -7.83 -21.34 -17.68
CA GLN B 328 -8.39 -22.40 -16.88
C GLN B 328 -9.41 -21.81 -15.91
N PRO B 329 -10.53 -22.52 -15.70
CA PRO B 329 -11.49 -22.14 -14.66
C PRO B 329 -10.83 -21.96 -13.30
N CYS B 330 -11.01 -20.77 -12.73
CA CYS B 330 -10.40 -20.38 -11.47
C CYS B 330 -10.92 -21.19 -10.29
N PRO B 331 -10.05 -22.01 -9.69
CA PRO B 331 -10.43 -22.81 -8.53
C PRO B 331 -10.22 -22.12 -7.17
N ILE B 332 -9.92 -20.82 -7.17
CA ILE B 332 -9.72 -20.09 -5.91
C ILE B 332 -10.96 -19.33 -5.49
N CYS B 333 -11.52 -18.56 -6.42
CA CYS B 333 -12.72 -17.77 -6.11
C CYS B 333 -14.03 -18.51 -6.33
N LYS B 334 -13.98 -19.80 -6.62
CA LYS B 334 -15.22 -20.55 -6.92
C LYS B 334 -15.88 -21.16 -5.66
N GLU B 335 -15.34 -20.83 -4.49
CA GLU B 335 -15.82 -21.37 -3.20
C GLU B 335 -17.30 -21.05 -2.88
N GLY B 336 -17.55 -19.98 -2.12
CA GLY B 336 -18.90 -19.64 -1.64
C GLY B 336 -19.64 -18.63 -2.51
N ARG B 337 -19.19 -17.37 -2.48
CA ARG B 337 -19.64 -16.34 -3.42
C ARG B 337 -18.48 -15.43 -3.88
N PRO B 338 -18.21 -15.40 -5.22
CA PRO B 338 -17.08 -14.63 -5.76
C PRO B 338 -17.32 -13.12 -5.72
N ALA B 341 -15.90 -7.95 -6.95
CA ALA B 341 -14.57 -7.48 -7.36
C ALA B 341 -13.75 -8.62 -7.95
N GLU B 342 -13.90 -9.83 -7.39
CA GLU B 342 -13.39 -11.07 -7.98
C GLU B 342 -14.13 -11.30 -9.30
N LEU B 343 -15.35 -10.79 -9.38
CA LEU B 343 -16.10 -10.74 -10.63
C LEU B 343 -15.40 -9.82 -11.63
N SER B 344 -14.92 -8.66 -11.14
CA SER B 344 -14.18 -7.71 -11.98
C SER B 344 -12.81 -8.23 -12.41
N LEU B 345 -12.12 -8.95 -11.52
CA LEU B 345 -10.84 -9.56 -11.85
C LEU B 345 -11.00 -10.49 -13.05
N HIS B 346 -12.06 -11.28 -13.03
CA HIS B 346 -12.35 -12.23 -14.09
C HIS B 346 -13.11 -11.62 -15.28
N ALA B 347 -13.80 -10.51 -15.06
CA ALA B 347 -14.43 -9.78 -16.15
C ALA B 347 -13.57 -8.56 -16.47
N LEU B 348 -12.38 -8.82 -17.00
CA LEU B 348 -11.35 -7.81 -17.19
C LEU B 348 -10.60 -8.17 -18.47
N PRO B 349 -10.29 -7.18 -19.33
CA PRO B 349 -9.65 -7.56 -20.61
C PRO B 349 -8.41 -8.44 -20.43
N LEU B 350 -8.18 -9.33 -21.39
CA LEU B 350 -7.02 -10.20 -21.38
C LEU B 350 -5.76 -9.36 -21.25
N ASP B 351 -5.71 -8.28 -22.01
CA ASP B 351 -4.60 -7.34 -21.99
C ASP B 351 -4.26 -6.92 -20.56
N GLU B 352 -5.25 -6.38 -19.85
CA GLU B 352 -5.09 -5.89 -18.49
C GLU B 352 -4.63 -7.00 -17.53
N SER B 353 -5.16 -8.21 -17.72
CA SER B 353 -4.79 -9.38 -16.87
C SER B 353 -3.32 -9.77 -17.01
N LEU B 354 -2.81 -9.72 -18.24
CA LEU B 354 -1.42 -10.04 -18.54
C LEU B 354 -0.49 -9.07 -17.84
N LYS B 355 -0.82 -7.78 -17.91
CA LYS B 355 -0.07 -6.74 -17.22
C LYS B 355 0.07 -7.07 -15.73
N ILE B 356 -1.06 -7.35 -15.09
CA ILE B 356 -1.10 -7.64 -13.65
C ILE B 356 -0.16 -8.78 -13.28
N VAL B 357 -0.20 -9.87 -14.03
CA VAL B 357 0.60 -11.04 -13.72
C VAL B 357 2.05 -10.80 -14.07
N LYS B 358 2.29 -10.16 -15.19
CA LYS B 358 3.66 -9.82 -15.59
C LYS B 358 4.32 -9.02 -14.46
N GLU B 359 3.68 -7.94 -14.05
CA GLU B 359 4.21 -7.07 -13.02
C GLU B 359 4.37 -7.79 -11.68
N TYR B 360 3.51 -8.76 -11.40
CA TYR B 360 3.65 -9.59 -10.21
C TYR B 360 4.97 -10.37 -10.28
N LEU B 361 5.25 -10.97 -11.42
CA LEU B 361 6.48 -11.73 -11.60
C LEU B 361 7.71 -10.83 -11.66
N ILE B 362 7.52 -9.57 -12.01
CA ILE B 362 8.62 -8.64 -11.94
C ILE B 362 8.87 -8.26 -10.48
N ALA B 363 7.83 -7.83 -9.78
CA ALA B 363 7.91 -7.58 -8.35
C ALA B 363 8.59 -8.73 -7.64
N ALA B 364 8.12 -9.95 -7.94
CA ALA B 364 8.74 -11.18 -7.46
C ALA B 364 10.27 -11.16 -7.56
N THR B 365 10.77 -10.90 -8.77
CA THR B 365 12.20 -10.73 -9.01
C THR B 365 12.79 -9.80 -7.95
N ALA B 366 12.22 -8.60 -7.87
CA ALA B 366 12.73 -7.55 -6.99
C ALA B 366 12.72 -7.94 -5.51
N LYS B 367 11.73 -8.74 -5.11
CA LYS B 367 11.61 -9.16 -3.72
C LYS B 367 12.68 -10.20 -3.32
N ASP B 368 13.29 -10.85 -4.31
CA ASP B 368 14.26 -11.90 -4.03
C ASP B 368 15.69 -11.56 -4.43
N CYS B 369 15.87 -10.40 -5.06
CA CYS B 369 17.21 -9.95 -5.44
C CYS B 369 18.02 -9.55 -4.22
N SER B 370 19.33 -9.42 -4.41
CA SER B 370 20.24 -9.05 -3.34
C SER B 370 21.01 -7.81 -3.76
N ILE B 371 21.43 -7.03 -2.78
CA ILE B 371 22.26 -5.84 -3.03
C ILE B 371 23.67 -6.16 -2.60
N MET B 372 24.64 -5.72 -3.40
CA MET B 372 26.03 -5.76 -2.99
C MET B 372 26.58 -4.35 -2.86
N ILE B 373 27.08 -4.04 -1.66
CA ILE B 373 27.73 -2.76 -1.43
C ILE B 373 29.20 -2.95 -1.16
N SER B 374 30.03 -2.57 -2.14
CA SER B 374 31.48 -2.66 -2.03
C SER B 374 32.08 -1.41 -1.42
N PHE B 375 32.86 -1.59 -0.37
CA PHE B 375 33.53 -0.47 0.29
C PHE B 375 35.01 -0.51 -0.02
N GLN B 376 35.65 0.64 0.04
CA GLN B 376 37.08 0.77 -0.17
C GLN B 376 37.54 1.97 0.60
N SER B 377 38.54 1.74 1.44
CA SER B 377 39.09 2.77 2.31
C SER B 377 39.97 3.74 1.53
N ARG B 378 39.97 4.99 1.97
CA ARG B 378 40.70 6.04 1.27
C ARG B 378 42.10 6.20 1.86
N ASN B 379 43.08 6.47 0.99
CA ASN B 379 44.48 6.68 1.39
C ASN B 379 45.03 8.00 0.88
N GLU B 384 40.28 5.27 -3.47
CA GLU B 384 40.48 6.30 -4.49
C GLU B 384 39.17 6.96 -4.95
N PRO B 385 39.08 8.28 -4.71
CA PRO B 385 37.93 9.19 -4.52
C PRO B 385 36.74 8.99 -5.41
N SER B 386 35.54 9.23 -4.86
CA SER B 386 34.30 9.29 -5.64
C SER B 386 33.32 10.33 -5.08
N GLY B 387 32.12 10.39 -5.65
CA GLY B 387 31.04 11.20 -5.12
C GLY B 387 30.14 10.39 -4.20
N ASP B 388 30.51 9.13 -4.01
CA ASP B 388 29.80 8.23 -3.13
C ASP B 388 30.74 7.64 -2.10
N TYR B 389 30.66 8.17 -0.87
CA TYR B 389 31.50 7.76 0.26
C TYR B 389 30.82 7.97 1.62
N VAL B 390 31.39 7.37 2.67
CA VAL B 390 30.89 7.54 4.03
C VAL B 390 32.03 7.85 5.00
N SER B 391 31.77 8.79 5.91
CA SER B 391 32.75 9.24 6.89
C SER B 391 32.58 8.52 8.22
N LEU B 392 33.70 8.07 8.76
CA LEU B 392 33.72 7.45 10.08
C LEU B 392 34.53 8.31 11.04
N LYS B 393 33.87 9.29 11.64
CA LYS B 393 34.54 10.35 12.39
C LYS B 393 35.42 9.89 13.57
N PRO B 394 34.92 8.93 14.38
CA PRO B 394 35.72 8.40 15.50
C PRO B 394 37.06 7.74 15.11
N THR B 395 37.30 7.55 13.81
CA THR B 395 38.59 7.06 13.33
C THR B 395 39.14 7.96 12.23
N ASN B 396 38.41 9.03 11.92
CA ASN B 396 38.77 10.01 10.88
C ASN B 396 39.16 9.29 9.58
N GLN B 397 38.29 8.38 9.13
CA GLN B 397 38.50 7.61 7.91
C GLN B 397 37.38 7.90 6.94
N THR B 398 37.65 7.70 5.65
CA THR B 398 36.63 7.84 4.61
C THR B 398 36.63 6.59 3.74
N PHE B 399 35.45 6.16 3.32
CA PHE B 399 35.33 4.98 2.46
C PHE B 399 34.44 5.28 1.26
N ASP B 400 35.00 5.19 0.06
CA ASP B 400 34.21 5.22 -1.15
C ASP B 400 33.41 3.93 -1.24
N TYR B 401 32.19 4.00 -1.75
CA TYR B 401 31.35 2.81 -1.88
C TYR B 401 30.66 2.75 -3.26
N LYS B 402 30.29 1.53 -3.66
CA LYS B 402 29.49 1.30 -4.84
C LYS B 402 28.36 0.36 -4.46
N VAL B 403 27.21 0.53 -5.09
CA VAL B 403 26.07 -0.37 -4.87
C VAL B 403 25.72 -1.08 -6.15
N HIS B 404 25.42 -2.37 -6.04
CA HIS B 404 25.00 -3.14 -7.20
C HIS B 404 23.94 -4.14 -6.84
N PHE B 405 22.97 -4.30 -7.73
CA PHE B 405 21.94 -5.31 -7.58
C PHE B 405 22.42 -6.59 -8.22
N ILE B 406 22.28 -7.70 -7.49
CA ILE B 406 22.63 -9.02 -8.01
C ILE B 406 21.46 -10.01 -7.90
N ASP B 407 21.68 -11.23 -8.39
CA ASP B 407 20.68 -12.29 -8.40
C ASP B 407 19.32 -11.76 -8.84
N LEU B 408 19.26 -11.22 -10.05
CA LEU B 408 18.01 -10.73 -10.60
C LEU B 408 17.49 -11.78 -11.55
N SER B 409 16.65 -12.67 -11.03
CA SER B 409 16.21 -13.80 -11.80
C SER B 409 14.79 -13.63 -12.32
N LEU B 410 14.56 -14.12 -13.53
CA LEU B 410 13.22 -14.24 -14.07
C LEU B 410 12.49 -15.35 -13.33
N LYS B 411 11.36 -15.00 -12.73
CA LYS B 411 10.57 -15.96 -11.99
C LYS B 411 9.62 -16.67 -12.95
N PRO B 412 9.58 -18.01 -12.91
CA PRO B 412 8.77 -18.79 -13.84
C PRO B 412 7.28 -18.66 -13.57
N LEU B 413 6.50 -18.49 -14.62
CA LEU B 413 5.06 -18.24 -14.53
C LEU B 413 4.31 -19.29 -13.71
N LYS B 414 4.64 -20.56 -13.87
CA LYS B 414 3.91 -21.62 -13.13
C LYS B 414 3.98 -21.47 -11.61
N ARG B 415 4.99 -20.73 -11.15
CA ARG B 415 5.23 -20.51 -9.73
C ARG B 415 4.10 -19.72 -9.07
N MET B 416 3.31 -18.99 -9.88
CA MET B 416 2.13 -18.30 -9.40
C MET B 416 1.25 -19.18 -8.52
N GLU B 417 1.18 -20.45 -8.86
CA GLU B 417 0.43 -21.44 -8.09
C GLU B 417 1.07 -21.68 -6.74
N SER B 418 2.36 -21.99 -6.74
CA SER B 418 3.04 -22.28 -5.49
C SER B 418 3.16 -21.04 -4.60
N TYR B 419 3.20 -19.85 -5.22
CA TYR B 419 3.20 -18.60 -4.47
C TYR B 419 1.96 -18.47 -3.60
N TYR B 420 0.80 -18.72 -4.20
CA TYR B 420 -0.47 -18.68 -3.49
C TYR B 420 -0.54 -19.69 -2.35
N LYS B 421 -0.21 -20.95 -2.65
CA LYS B 421 -0.26 -22.00 -1.65
C LYS B 421 0.63 -21.66 -0.48
N LEU B 422 1.85 -21.20 -0.78
CA LEU B 422 2.84 -20.82 0.23
C LEU B 422 2.32 -19.73 1.15
N ASP B 423 1.88 -18.63 0.54
CA ASP B 423 1.33 -17.50 1.29
C ASP B 423 0.19 -17.93 2.21
N LYS B 424 -0.80 -18.61 1.63
CA LYS B 424 -1.93 -19.17 2.39
C LYS B 424 -1.43 -19.94 3.60
N LYS B 425 -0.40 -20.76 3.38
CA LYS B 425 0.22 -21.56 4.41
C LYS B 425 0.81 -20.68 5.51
N ILE B 426 1.53 -19.63 5.13
CA ILE B 426 2.17 -18.74 6.09
C ILE B 426 1.14 -18.09 6.98
N ILE B 427 0.12 -17.50 6.34
CA ILE B 427 -0.88 -16.72 7.05
C ILE B 427 -1.77 -17.57 7.94
N SER B 428 -2.05 -18.80 7.53
CA SER B 428 -2.83 -19.69 8.37
C SER B 428 -2.03 -20.12 9.61
N PHE B 429 -0.75 -20.45 9.40
CA PHE B 429 0.12 -20.84 10.51
C PHE B 429 0.34 -19.68 11.48
N TYR B 430 0.42 -18.47 10.95
CA TYR B 430 0.62 -17.29 11.80
C TYR B 430 -0.63 -17.02 12.64
N ASN B 431 -1.80 -17.09 12.01
CA ASN B 431 -3.06 -16.95 12.70
C ASN B 431 -3.21 -18.03 13.77
N ARG B 432 -2.92 -19.27 13.38
CA ARG B 432 -2.98 -20.44 14.27
C ARG B 432 -2.20 -20.25 15.56
N LYS B 433 -0.96 -19.75 15.47
CA LYS B 433 -0.08 -19.62 16.64
C LYS B 433 -0.16 -18.28 17.35
N GLN B 434 -1.01 -17.39 16.86
CA GLN B 434 -1.13 -16.04 17.44
C GLN B 434 -2.10 -16.00 18.60
N LYS B 435 -2.89 -17.06 18.75
CA LYS B 435 -3.83 -17.16 19.85
C LYS B 435 -3.33 -18.21 20.86
N ALA B 436 -2.12 -18.71 20.62
CA ALA B 436 -1.43 -19.64 21.53
C ALA B 436 -0.91 -18.93 22.80
N GLU B 437 -0.99 -17.60 22.80
CA GLU B 437 -0.71 -16.79 23.99
C GLU B 437 -1.83 -15.77 24.27
N ASN B 438 -2.44 -15.25 23.20
CA ASN B 438 -3.47 -14.21 23.28
C ASN B 438 -4.68 -14.60 24.12
#